data_6IR5
#
_entry.id   6IR5
#
_cell.length_a   121.974
_cell.length_b   121.974
_cell.length_c   216.568
_cell.angle_alpha   90.00
_cell.angle_beta   90.00
_cell.angle_gamma   90.00
#
_symmetry.space_group_name_H-M   'P 42 21 2'
#
loop_
_entity.id
_entity.type
_entity.pdbx_description
1 polymer 'VP1 Capsid protein'
2 water water
#
_entity_poly.entity_id   1
_entity_poly.type   'polypeptide(L)'
_entity_poly.pdbx_seq_one_letter_code
;GPLGSSKTKPFTLPILTISEMSNSRFPVPIDSLHTSPTENIVVQCQNGRVTLDGELMGTTQLLPSQICAFRGTLTRSTSR
ASDQADTPTPRLFNYYWHIQLDNLNGTPYDPAEDIPAPLGTPDFRGKVFGVASQRNPDSTTRAHEAKVDTTSGRFTPKLG
SLEITTESDDFDPNQPTKFTPVGVGVDNEAEFQQWSLPNYSGQFTHNMNLAPAVAPNFPGEQLLFFRSQLPSSGGRSNGV
LDCLVPQEWVQHFYQESAPAQTQVALVRYVNPDTGRVLFEAKLHKLGFMTIAKNGDSPITVPPNGYFRFESWVNPFYTLA
PMGTGNG
;
_entity_poly.pdbx_strand_id   A,B,C,D
#
# COMPACT_ATOMS: atom_id res chain seq x y z
N THR A 8 -4.52 -12.00 -50.89
CA THR A 8 -4.83 -10.82 -50.09
C THR A 8 -4.67 -11.12 -48.60
N LYS A 9 -3.81 -10.36 -47.94
CA LYS A 9 -3.58 -10.59 -46.51
C LYS A 9 -4.69 -9.95 -45.69
N PRO A 10 -5.30 -10.69 -44.76
CA PRO A 10 -6.37 -10.12 -43.96
C PRO A 10 -5.84 -9.10 -42.96
N PHE A 11 -6.74 -8.20 -42.56
CA PHE A 11 -6.44 -7.23 -41.52
C PHE A 11 -6.69 -7.85 -40.15
N THR A 12 -5.78 -7.59 -39.21
CA THR A 12 -5.87 -8.14 -37.87
C THR A 12 -5.42 -7.10 -36.85
N LEU A 13 -5.98 -7.18 -35.67
CA LEU A 13 -5.48 -6.49 -34.50
C LEU A 13 -4.69 -7.47 -33.63
N PRO A 14 -3.65 -7.01 -32.94
CA PRO A 14 -3.03 -7.87 -31.94
C PRO A 14 -3.95 -8.03 -30.74
N ILE A 15 -3.89 -9.19 -30.11
CA ILE A 15 -4.71 -9.47 -28.94
C ILE A 15 -4.00 -8.88 -27.72
N LEU A 16 -4.43 -7.70 -27.30
CA LEU A 16 -3.78 -7.00 -26.21
C LEU A 16 -4.79 -6.40 -25.25
N THR A 17 -4.48 -6.49 -23.97
CA THR A 17 -5.26 -5.99 -22.86
C THR A 17 -4.94 -4.51 -22.62
N ILE A 18 -5.87 -3.81 -21.98
CA ILE A 18 -5.66 -2.40 -21.62
C ILE A 18 -4.31 -2.19 -20.93
N SER A 19 -3.89 -3.16 -20.11
CA SER A 19 -2.62 -3.07 -19.40
C SER A 19 -1.44 -3.61 -20.20
N GLU A 20 -1.65 -3.95 -21.48
CA GLU A 20 -0.58 -4.42 -22.35
C GLU A 20 -0.33 -3.49 -23.52
N MET A 21 -0.81 -2.25 -23.44
CA MET A 21 -0.67 -1.29 -24.52
C MET A 21 0.22 -0.12 -24.07
N SER A 22 0.97 0.42 -25.02
CA SER A 22 1.85 1.56 -24.77
C SER A 22 1.35 2.78 -25.53
N ASN A 23 1.53 3.94 -24.91
CA ASN A 23 1.19 5.19 -25.58
C ASN A 23 2.11 5.41 -26.77
N SER A 24 1.53 5.85 -27.88
CA SER A 24 2.29 6.10 -29.10
C SER A 24 2.78 7.53 -29.21
N ARG A 25 2.49 8.37 -28.23
CA ARG A 25 3.01 9.74 -28.18
C ARG A 25 3.99 9.94 -27.03
N PHE A 26 4.13 8.93 -26.17
CA PHE A 26 5.06 9.00 -25.04
C PHE A 26 5.56 7.60 -24.68
N PRO A 27 6.70 7.53 -24.02
CA PRO A 27 7.21 6.22 -23.56
C PRO A 27 6.57 5.86 -22.24
N VAL A 28 5.27 5.57 -22.26
CA VAL A 28 4.57 5.14 -21.05
C VAL A 28 3.42 4.22 -21.39
N PRO A 29 3.02 3.38 -20.44
CA PRO A 29 1.87 2.48 -20.68
C PRO A 29 0.57 3.25 -20.80
N ILE A 30 -0.39 2.62 -21.48
CA ILE A 30 -1.74 3.13 -21.53
C ILE A 30 -2.43 2.90 -20.20
N ASP A 31 -3.05 3.93 -19.65
CA ASP A 31 -3.72 3.83 -18.36
C ASP A 31 -5.22 3.58 -18.48
N SER A 32 -5.88 4.16 -19.48
CA SER A 32 -7.33 4.04 -19.58
C SER A 32 -7.76 4.34 -21.00
N LEU A 33 -9.05 4.11 -21.26
CA LEU A 33 -9.73 4.56 -22.46
C LEU A 33 -10.59 5.78 -22.10
N HIS A 34 -10.65 6.74 -23.02
CA HIS A 34 -11.35 7.99 -22.75
C HIS A 34 -12.02 8.48 -24.04
N THR A 35 -13.12 9.21 -23.86
CA THR A 35 -13.82 9.84 -24.98
C THR A 35 -14.23 11.24 -24.57
N SER A 36 -14.45 12.08 -25.58
CA SER A 36 -14.75 13.49 -25.37
C SER A 36 -15.21 14.14 -26.67
N PRO A 37 -16.02 15.19 -26.61
CA PRO A 37 -16.23 16.02 -27.80
C PRO A 37 -14.94 16.73 -28.16
N THR A 38 -14.72 16.89 -29.48
CA THR A 38 -13.46 17.44 -29.96
C THR A 38 -13.68 18.55 -30.99
N GLU A 39 -14.84 19.21 -30.95
CA GLU A 39 -15.07 20.30 -31.89
C GLU A 39 -14.15 21.48 -31.60
N ASN A 40 -13.86 21.73 -30.33
CA ASN A 40 -13.12 22.90 -29.90
C ASN A 40 -11.60 22.68 -29.86
N ILE A 41 -11.13 21.53 -30.34
CA ILE A 41 -9.69 21.26 -30.44
C ILE A 41 -9.39 20.72 -31.83
N VAL A 42 -8.14 20.74 -32.18
CA VAL A 42 -7.70 20.20 -33.41
C VAL A 42 -6.96 18.98 -33.05
N VAL A 43 -7.37 17.85 -33.56
CA VAL A 43 -6.72 16.60 -33.29
C VAL A 43 -5.81 16.23 -34.42
N GLN A 44 -4.62 16.83 -34.39
CA GLN A 44 -3.58 16.56 -35.37
C GLN A 44 -2.24 16.34 -34.69
N CYS A 45 -2.15 15.25 -33.94
CA CYS A 45 -0.92 14.78 -33.41
C CYS A 45 -0.13 14.10 -34.48
N GLN A 46 1.17 14.10 -34.33
CA GLN A 46 2.06 13.62 -35.37
C GLN A 46 2.76 12.32 -35.01
N ASN A 47 2.82 11.96 -33.73
CA ASN A 47 3.28 10.65 -33.32
C ASN A 47 2.09 9.70 -33.17
N GLY A 48 2.35 8.42 -33.30
CA GLY A 48 1.28 7.45 -33.28
C GLY A 48 0.33 7.56 -34.44
N ARG A 49 0.83 7.97 -35.60
CA ARG A 49 0.01 8.19 -36.79
C ARG A 49 0.37 7.15 -37.83
N VAL A 50 -0.58 6.27 -38.13
CA VAL A 50 -0.37 5.18 -39.08
C VAL A 50 -1.71 4.83 -39.70
N THR A 51 -1.68 4.47 -40.97
CA THR A 51 -2.88 3.99 -41.64
C THR A 51 -3.10 2.51 -41.34
N LEU A 52 -4.32 2.05 -41.59
CA LEU A 52 -4.64 0.65 -41.32
C LEU A 52 -3.88 -0.30 -42.24
N ASP A 53 -3.43 0.18 -43.40
CA ASP A 53 -2.56 -0.61 -44.27
C ASP A 53 -1.07 -0.36 -43.97
N GLY A 54 -0.75 0.16 -42.78
CA GLY A 54 0.61 0.15 -42.30
C GLY A 54 1.52 1.23 -42.85
N GLU A 55 0.99 2.39 -43.20
CA GLU A 55 1.79 3.50 -43.70
C GLU A 55 1.93 4.54 -42.59
N LEU A 56 3.16 4.77 -42.15
CA LEU A 56 3.42 5.73 -41.09
C LEU A 56 3.32 7.15 -41.63
N MET A 57 2.80 8.05 -40.80
CA MET A 57 2.62 9.45 -41.17
C MET A 57 3.21 10.34 -40.09
N GLY A 58 3.33 11.63 -40.40
CA GLY A 58 3.83 12.59 -39.43
C GLY A 58 5.26 12.29 -39.04
N THR A 59 5.53 12.33 -37.73
CA THR A 59 6.84 12.01 -37.19
C THR A 59 6.87 10.61 -36.57
N THR A 60 5.92 9.75 -36.92
CA THR A 60 5.79 8.45 -36.29
C THR A 60 6.94 7.53 -36.70
N GLN A 61 7.50 6.82 -35.72
CA GLN A 61 8.52 5.82 -35.94
C GLN A 61 8.19 4.59 -35.09
N LEU A 62 9.06 3.58 -35.14
CA LEU A 62 8.73 2.27 -34.60
C LEU A 62 9.17 2.06 -33.16
N LEU A 63 10.25 2.71 -32.73
CA LEU A 63 10.82 2.41 -31.41
C LEU A 63 9.99 3.06 -30.31
N PRO A 64 9.47 2.29 -29.34
CA PRO A 64 8.62 2.90 -28.31
C PRO A 64 9.36 3.86 -27.40
N SER A 65 10.63 3.56 -27.08
CA SER A 65 11.40 4.41 -26.17
C SER A 65 11.85 5.71 -26.80
N GLN A 66 11.74 5.85 -28.12
CA GLN A 66 12.29 6.99 -28.84
C GLN A 66 11.25 8.06 -29.16
N ILE A 67 10.03 7.93 -28.63
CA ILE A 67 9.02 8.97 -28.81
C ILE A 67 9.31 10.08 -27.81
N CYS A 68 9.51 11.30 -28.33
CA CYS A 68 9.92 12.47 -27.57
C CYS A 68 11.37 12.40 -27.08
N ALA A 69 12.16 11.49 -27.64
CA ALA A 69 13.60 11.43 -27.36
C ALA A 69 14.36 12.04 -28.52
N PHE A 70 15.68 12.20 -28.32
CA PHE A 70 16.52 12.68 -29.41
C PHE A 70 17.96 12.26 -29.18
N ARG A 71 18.72 12.26 -30.27
CA ARG A 71 20.16 12.08 -30.28
C ARG A 71 20.80 13.29 -30.93
N GLY A 72 22.00 13.65 -30.48
CA GLY A 72 22.70 14.74 -31.11
C GLY A 72 23.93 15.16 -30.32
N THR A 73 24.41 16.37 -30.63
CA THR A 73 25.61 16.93 -30.03
C THR A 73 25.24 18.20 -29.26
N LEU A 74 25.79 18.32 -28.06
CA LEU A 74 25.45 19.39 -27.14
C LEU A 74 26.41 20.57 -27.28
N THR A 75 25.89 21.78 -27.13
CA THR A 75 26.72 22.98 -27.00
C THR A 75 26.14 23.87 -25.91
N ARG A 76 26.92 24.89 -25.55
CA ARG A 76 26.49 25.90 -24.60
C ARG A 76 25.74 27.01 -25.32
N SER A 77 24.69 27.51 -24.68
CA SER A 77 23.80 28.49 -25.29
C SER A 77 24.05 29.89 -24.77
N LEU A 92 15.79 25.07 -9.88
CA LEU A 92 15.47 25.92 -11.02
C LEU A 92 16.33 25.56 -12.22
N PHE A 93 15.67 25.30 -13.36
CA PHE A 93 16.34 24.89 -14.59
C PHE A 93 16.75 26.16 -15.36
N ASN A 94 17.96 26.66 -15.09
CA ASN A 94 18.41 27.92 -15.66
C ASN A 94 19.66 27.80 -16.51
N TYR A 95 20.17 26.60 -16.75
CA TYR A 95 21.30 26.40 -17.63
C TYR A 95 20.79 25.98 -19.00
N TYR A 96 21.20 26.71 -20.04
CA TYR A 96 20.64 26.56 -21.37
C TYR A 96 21.67 25.92 -22.29
N TRP A 97 21.25 24.90 -23.04
CA TRP A 97 22.13 24.14 -23.90
C TRP A 97 21.51 24.02 -25.28
N HIS A 98 22.35 24.09 -26.30
CA HIS A 98 21.93 23.94 -27.69
C HIS A 98 22.25 22.53 -28.15
N ILE A 99 21.28 21.87 -28.76
CA ILE A 99 21.40 20.50 -29.23
C ILE A 99 21.32 20.50 -30.75
N GLN A 100 22.39 20.08 -31.41
CA GLN A 100 22.36 19.81 -32.85
C GLN A 100 21.87 18.40 -33.06
N LEU A 101 20.76 18.25 -33.77
CA LEU A 101 20.01 17.00 -33.78
C LEU A 101 20.50 16.07 -34.89
N ASP A 102 20.76 14.82 -34.52
CA ASP A 102 20.91 13.73 -35.47
C ASP A 102 19.61 12.93 -35.53
N ASN A 103 19.53 12.03 -36.50
CA ASN A 103 18.42 11.10 -36.52
C ASN A 103 18.59 10.07 -35.41
N LEU A 104 17.49 9.50 -34.96
CA LEU A 104 17.54 8.47 -33.92
C LEU A 104 18.38 7.27 -34.35
N ASN A 105 18.62 7.12 -35.66
CA ASN A 105 19.64 6.17 -36.12
C ASN A 105 21.01 6.52 -35.59
N GLY A 106 21.29 7.82 -35.42
CA GLY A 106 22.64 8.32 -35.36
C GLY A 106 23.15 8.84 -36.68
N THR A 107 22.38 8.65 -37.75
CA THR A 107 22.64 9.18 -39.07
C THR A 107 22.25 10.66 -39.13
N PRO A 108 22.96 11.46 -39.93
CA PRO A 108 22.69 12.90 -39.95
C PRO A 108 21.28 13.20 -40.43
N TYR A 109 20.64 14.18 -39.76
CA TYR A 109 19.26 14.52 -40.06
C TYR A 109 19.20 15.51 -41.24
N ASP A 110 18.37 15.18 -42.22
CA ASP A 110 18.23 15.98 -43.42
C ASP A 110 16.95 16.81 -43.34
N PRO A 111 17.03 18.12 -43.15
CA PRO A 111 15.80 18.93 -43.10
C PRO A 111 15.01 18.92 -44.39
N ALA A 112 15.61 18.53 -45.51
CA ALA A 112 14.89 18.50 -46.78
C ALA A 112 13.90 17.34 -46.88
N GLU A 113 13.97 16.38 -45.96
CA GLU A 113 13.08 15.23 -46.00
C GLU A 113 11.63 15.66 -45.79
N ASP A 114 10.71 14.97 -46.46
CA ASP A 114 9.29 15.34 -46.46
C ASP A 114 8.61 14.85 -45.17
N ILE A 115 9.08 15.39 -44.05
CA ILE A 115 8.51 15.10 -42.74
C ILE A 115 8.42 16.39 -41.94
N PRO A 116 7.50 16.48 -40.99
CA PRO A 116 7.34 17.74 -40.24
C PRO A 116 8.55 18.08 -39.39
N ALA A 117 9.31 17.09 -38.96
CA ALA A 117 10.41 17.22 -38.01
C ALA A 117 11.12 15.88 -37.93
N PRO A 118 12.26 15.76 -37.24
CA PRO A 118 12.84 14.44 -37.03
C PRO A 118 11.82 13.49 -36.41
N LEU A 119 11.86 12.23 -36.84
CA LEU A 119 10.94 11.24 -36.32
C LEU A 119 11.07 11.13 -34.81
N GLY A 120 9.94 11.08 -34.13
CA GLY A 120 9.92 11.04 -32.67
C GLY A 120 9.84 12.39 -32.00
N THR A 121 9.89 13.49 -32.76
CA THR A 121 9.82 14.81 -32.16
C THR A 121 8.48 14.99 -31.43
N PRO A 122 8.48 15.58 -30.24
CA PRO A 122 7.22 15.81 -29.52
C PRO A 122 6.24 16.63 -30.35
N ASP A 123 4.96 16.26 -30.28
CA ASP A 123 3.90 16.87 -31.07
C ASP A 123 2.91 17.65 -30.21
N PHE A 124 3.41 18.37 -29.21
CA PHE A 124 2.55 19.16 -28.35
C PHE A 124 3.34 20.34 -27.80
N ARG A 125 2.62 21.31 -27.26
CA ARG A 125 3.24 22.47 -26.65
C ARG A 125 3.36 22.27 -25.14
N GLY A 126 4.52 22.60 -24.61
CA GLY A 126 4.82 22.42 -23.22
C GLY A 126 6.30 22.14 -23.02
N LYS A 127 6.61 21.51 -21.89
CA LYS A 127 7.98 21.16 -21.54
C LYS A 127 8.06 19.66 -21.27
N VAL A 128 8.91 18.97 -22.02
CA VAL A 128 9.13 17.54 -21.82
C VAL A 128 10.23 17.37 -20.78
N PHE A 129 9.88 16.76 -19.65
CA PHE A 129 10.82 16.53 -18.56
C PHE A 129 11.47 15.17 -18.73
N GLY A 130 12.79 15.12 -18.61
CA GLY A 130 13.53 13.90 -18.82
C GLY A 130 14.93 13.97 -18.27
N VAL A 131 15.83 13.23 -18.90
CA VAL A 131 17.24 13.16 -18.49
C VAL A 131 18.11 13.21 -19.74
N ALA A 132 19.04 14.14 -19.78
CA ALA A 132 20.07 14.21 -20.81
C ALA A 132 21.33 13.52 -20.30
N SER A 133 21.96 12.72 -21.16
CA SER A 133 23.12 11.93 -20.78
C SER A 133 24.19 12.03 -21.85
N GLN A 134 25.44 11.84 -21.43
CA GLN A 134 26.58 11.92 -22.33
C GLN A 134 27.56 10.79 -22.01
N ARG A 135 28.21 10.29 -23.06
CA ARG A 135 29.35 9.39 -22.94
C ARG A 135 30.45 9.90 -23.85
N ASN A 136 31.59 10.23 -23.27
CA ASN A 136 32.69 10.85 -24.01
C ASN A 136 33.63 9.79 -24.58
N PRO A 137 34.46 10.16 -25.57
CA PRO A 137 35.43 9.19 -26.10
C PRO A 137 36.36 8.60 -25.04
N ASP A 138 36.78 9.38 -24.05
CA ASP A 138 37.59 8.84 -22.97
C ASP A 138 36.77 7.98 -21.99
N SER A 139 35.50 7.72 -22.31
CA SER A 139 34.57 6.84 -21.60
C SER A 139 33.97 7.47 -20.35
N THR A 140 34.23 8.74 -20.07
CA THR A 140 33.58 9.41 -18.95
C THR A 140 32.12 9.70 -19.28
N THR A 141 31.27 9.68 -18.26
CA THR A 141 29.84 9.80 -18.45
C THR A 141 29.23 10.77 -17.45
N ARG A 142 28.05 11.27 -17.81
CA ARG A 142 27.27 12.16 -16.95
C ARG A 142 25.83 12.15 -17.45
N ALA A 143 24.89 12.37 -16.52
CA ALA A 143 23.48 12.40 -16.87
C ALA A 143 22.73 13.18 -15.80
N HIS A 144 21.84 14.07 -16.24
CA HIS A 144 21.10 14.91 -15.31
C HIS A 144 19.74 15.24 -15.88
N GLU A 145 18.82 15.65 -14.99
CA GLU A 145 17.48 16.04 -15.40
C GLU A 145 17.54 17.16 -16.44
N ALA A 146 16.55 17.17 -17.33
CA ALA A 146 16.54 18.18 -18.39
C ALA A 146 15.11 18.39 -18.85
N LYS A 147 14.87 19.54 -19.46
CA LYS A 147 13.57 19.88 -20.01
C LYS A 147 13.72 20.36 -21.44
N VAL A 148 12.76 20.00 -22.28
CA VAL A 148 12.70 20.45 -23.66
C VAL A 148 11.44 21.30 -23.80
N ASP A 149 11.63 22.61 -24.00
CA ASP A 149 10.52 23.54 -24.19
C ASP A 149 10.17 23.56 -25.67
N THR A 150 9.02 22.98 -26.02
CA THR A 150 8.56 22.97 -27.39
C THR A 150 7.87 24.27 -27.79
N THR A 151 7.74 25.23 -26.88
CA THR A 151 7.15 26.53 -27.17
C THR A 151 8.21 27.61 -27.42
N SER A 152 9.49 27.32 -27.18
CA SER A 152 10.53 28.32 -27.30
C SER A 152 10.89 28.56 -28.76
N GLY A 153 11.39 29.77 -29.03
CA GLY A 153 11.79 30.14 -30.38
C GLY A 153 12.97 29.34 -30.91
N ARG A 154 13.74 28.71 -30.02
CA ARG A 154 14.86 27.86 -30.42
C ARG A 154 14.47 26.39 -30.50
N PHE A 155 13.20 26.07 -30.31
CA PHE A 155 12.67 24.75 -30.67
C PHE A 155 12.46 24.76 -32.17
N THR A 156 13.51 24.43 -32.92
CA THR A 156 13.46 24.37 -34.38
C THR A 156 14.02 23.03 -34.86
N PRO A 157 13.38 21.91 -34.49
CA PRO A 157 13.92 20.61 -34.90
C PRO A 157 13.83 20.37 -36.39
N LYS A 158 12.82 20.94 -37.07
CA LYS A 158 12.79 20.85 -38.54
C LYS A 158 14.02 21.51 -39.15
N LEU A 159 14.54 22.56 -38.51
CA LEU A 159 15.80 23.15 -38.93
C LEU A 159 17.01 22.34 -38.47
N GLY A 160 16.83 21.45 -37.49
CA GLY A 160 17.88 20.54 -37.07
C GLY A 160 18.45 20.77 -35.69
N SER A 161 17.80 21.59 -34.86
CA SER A 161 18.33 21.89 -33.53
C SER A 161 17.18 22.12 -32.57
N LEU A 162 17.49 22.02 -31.27
CA LEU A 162 16.56 22.42 -30.23
C LEU A 162 17.36 22.83 -29.00
N GLU A 163 16.65 23.31 -27.99
CA GLU A 163 17.25 23.81 -26.77
C GLU A 163 16.70 23.05 -25.57
N ILE A 164 17.60 22.65 -24.68
CA ILE A 164 17.21 22.05 -23.41
C ILE A 164 17.63 23.01 -22.30
N THR A 165 16.97 22.89 -21.15
CA THR A 165 17.39 23.56 -19.93
C THR A 165 17.68 22.51 -18.86
N THR A 166 18.66 22.80 -18.01
CA THR A 166 19.03 21.89 -16.94
C THR A 166 19.25 22.65 -15.63
N GLU A 167 18.98 21.97 -14.53
CA GLU A 167 19.37 22.47 -13.23
C GLU A 167 20.87 22.31 -12.96
N SER A 168 21.49 21.32 -13.57
CA SER A 168 22.90 21.03 -13.36
C SER A 168 23.77 21.67 -14.44
N ASP A 169 24.99 22.05 -14.03
CA ASP A 169 25.98 22.60 -14.95
C ASP A 169 26.94 21.55 -15.49
N ASP A 170 26.79 20.30 -15.06
CA ASP A 170 27.74 19.24 -15.39
C ASP A 170 27.39 18.64 -16.75
N PHE A 171 27.72 19.39 -17.80
CA PHE A 171 27.63 18.90 -19.16
C PHE A 171 28.85 19.39 -19.93
N ASP A 172 29.41 18.49 -20.75
CA ASP A 172 30.59 18.82 -21.53
C ASP A 172 30.15 19.19 -22.94
N PRO A 173 30.51 20.37 -23.45
CA PRO A 173 30.14 20.73 -24.82
C PRO A 173 30.80 19.83 -25.84
N ASN A 174 30.17 19.75 -27.01
CA ASN A 174 30.66 19.02 -28.18
C ASN A 174 30.75 17.52 -27.93
N GLN A 175 29.95 16.98 -27.00
CA GLN A 175 29.95 15.56 -26.76
C GLN A 175 28.59 14.96 -27.15
N PRO A 176 28.57 13.72 -27.62
CA PRO A 176 27.29 13.10 -28.02
C PRO A 176 26.33 12.98 -26.84
N THR A 177 25.10 13.44 -27.06
CA THR A 177 24.11 13.57 -26.01
C THR A 177 22.82 12.86 -26.41
N LYS A 178 22.22 12.15 -25.47
CA LYS A 178 20.94 11.49 -25.65
C LYS A 178 19.95 12.01 -24.61
N PHE A 179 18.66 11.97 -24.95
CA PHE A 179 17.60 12.43 -24.08
C PHE A 179 16.63 11.30 -23.82
N THR A 180 16.36 11.03 -22.54
CA THR A 180 15.40 10.02 -22.14
C THR A 180 14.15 10.70 -21.58
N PRO A 181 13.01 10.61 -22.25
CA PRO A 181 11.80 11.28 -21.73
C PRO A 181 11.26 10.58 -20.49
N VAL A 182 10.77 11.38 -19.55
CA VAL A 182 10.17 10.87 -18.32
C VAL A 182 8.72 11.32 -18.16
N GLY A 183 8.43 12.58 -18.47
CA GLY A 183 7.09 13.10 -18.34
C GLY A 183 6.98 14.57 -18.72
N VAL A 184 6.08 15.31 -18.07
CA VAL A 184 5.90 16.73 -18.33
C VAL A 184 6.65 17.54 -17.29
N GLY A 185 7.13 18.70 -17.70
CA GLY A 185 7.91 19.56 -16.81
C GLY A 185 7.46 21.01 -16.81
N VAL A 186 6.17 21.24 -17.03
CA VAL A 186 5.63 22.59 -16.96
C VAL A 186 5.45 22.98 -15.49
N ASP A 187 5.28 24.28 -15.27
CA ASP A 187 5.06 24.81 -13.93
C ASP A 187 3.58 24.99 -13.62
N ASN A 188 2.83 25.59 -14.53
CA ASN A 188 1.39 25.71 -14.41
C ASN A 188 0.71 24.81 -15.44
N GLU A 189 -0.42 24.23 -15.04
CA GLU A 189 -1.11 23.22 -15.85
C GLU A 189 -1.34 23.70 -17.27
N ALA A 190 -1.66 24.99 -17.45
CA ALA A 190 -2.07 25.49 -18.76
C ALA A 190 -0.95 25.53 -19.78
N GLU A 191 0.31 25.39 -19.37
CA GLU A 191 1.40 25.40 -20.33
C GLU A 191 1.48 24.10 -21.13
N PHE A 192 0.82 23.04 -20.66
CA PHE A 192 0.79 21.76 -21.36
C PHE A 192 -0.51 21.67 -22.15
N GLN A 193 -0.40 21.75 -23.47
CA GLN A 193 -1.55 21.68 -24.37
C GLN A 193 -1.28 20.57 -25.38
N GLN A 194 -1.79 19.37 -25.10
CA GLN A 194 -1.49 18.19 -25.91
C GLN A 194 -2.09 18.26 -27.31
N TRP A 195 -3.00 19.20 -27.58
CA TRP A 195 -3.64 19.30 -28.89
C TRP A 195 -3.21 20.54 -29.65
N SER A 196 -2.11 21.16 -29.25
CA SER A 196 -1.51 22.27 -29.98
C SER A 196 -0.14 21.83 -30.47
N LEU A 197 -0.02 21.65 -31.79
CA LEU A 197 1.27 21.32 -32.35
C LEU A 197 2.26 22.47 -32.10
N PRO A 198 3.52 22.17 -31.81
CA PRO A 198 4.53 23.23 -31.77
C PRO A 198 4.90 23.66 -33.18
N ASN A 199 5.70 24.71 -33.24
CA ASN A 199 6.26 25.18 -34.52
C ASN A 199 7.59 24.46 -34.73
N TYR A 200 7.58 23.45 -35.59
CA TYR A 200 8.78 22.64 -35.79
C TYR A 200 9.92 23.43 -36.40
N SER A 201 9.65 24.62 -36.96
CA SER A 201 10.69 25.47 -37.52
C SER A 201 10.81 26.79 -36.80
N GLY A 202 10.35 26.88 -35.55
CA GLY A 202 10.21 28.18 -34.92
C GLY A 202 9.17 28.99 -35.66
N GLN A 203 9.31 30.31 -35.59
CA GLN A 203 8.53 31.19 -36.45
C GLN A 203 9.26 31.51 -37.76
N PHE A 204 10.24 30.70 -38.13
CA PHE A 204 10.83 30.89 -39.46
C PHE A 204 9.79 30.61 -40.53
N THR A 205 9.08 29.49 -40.39
CA THR A 205 8.06 29.10 -41.36
C THR A 205 7.00 28.29 -40.61
N HIS A 206 5.98 27.86 -41.34
CA HIS A 206 4.88 27.12 -40.75
C HIS A 206 5.14 25.61 -40.86
N ASN A 207 4.32 24.84 -40.15
CA ASN A 207 4.47 23.38 -40.15
C ASN A 207 4.15 22.81 -41.53
N MET A 208 4.83 21.71 -41.86
CA MET A 208 4.73 21.10 -43.17
C MET A 208 4.68 19.59 -43.05
N ASN A 209 4.21 18.95 -44.12
CA ASN A 209 4.16 17.49 -44.22
C ASN A 209 3.39 16.85 -43.07
N LEU A 210 2.39 17.55 -42.55
CA LEU A 210 1.68 17.09 -41.36
C LEU A 210 0.76 15.92 -41.69
N ALA A 211 0.68 14.98 -40.76
CA ALA A 211 -0.36 13.96 -40.83
C ALA A 211 -1.73 14.62 -40.68
N PRO A 212 -2.74 14.17 -41.41
CA PRO A 212 -4.02 14.88 -41.42
C PRO A 212 -4.69 14.88 -40.05
N ALA A 213 -5.46 15.95 -39.80
CA ALA A 213 -6.27 16.04 -38.60
C ALA A 213 -7.50 15.13 -38.73
N VAL A 214 -7.97 14.63 -37.59
CA VAL A 214 -9.06 13.67 -37.58
C VAL A 214 -10.22 14.23 -36.77
N ALA A 215 -11.42 13.74 -37.08
CA ALA A 215 -12.64 14.15 -36.40
C ALA A 215 -13.69 13.07 -36.64
N PRO A 216 -14.64 12.90 -35.72
CA PRO A 216 -15.77 12.00 -36.00
C PRO A 216 -16.68 12.63 -37.04
N ASN A 217 -17.29 11.77 -37.86
CA ASN A 217 -18.11 12.24 -38.97
C ASN A 217 -19.44 11.49 -39.00
N PHE A 218 -20.00 11.20 -37.83
CA PHE A 218 -21.29 10.51 -37.75
C PHE A 218 -22.04 11.05 -36.53
N PRO A 219 -23.36 11.23 -36.63
CA PRO A 219 -24.09 11.85 -35.52
C PRO A 219 -24.00 11.03 -34.25
N GLY A 220 -23.68 11.70 -33.15
CA GLY A 220 -23.54 11.05 -31.87
C GLY A 220 -22.25 10.32 -31.65
N GLU A 221 -21.28 10.46 -32.56
CA GLU A 221 -20.01 9.76 -32.44
C GLU A 221 -18.92 10.72 -31.97
N GLN A 222 -18.08 10.24 -31.07
CA GLN A 222 -16.91 10.97 -30.59
C GLN A 222 -15.68 10.10 -30.79
N LEU A 223 -14.51 10.73 -30.75
CA LEU A 223 -13.28 9.97 -30.80
C LEU A 223 -13.10 9.15 -29.51
N LEU A 224 -12.46 8.00 -29.66
CA LEU A 224 -12.04 7.18 -28.54
C LEU A 224 -10.52 7.29 -28.42
N PHE A 225 -10.04 7.65 -27.24
CA PHE A 225 -8.63 7.91 -27.01
C PHE A 225 -8.01 6.83 -26.14
N PHE A 226 -6.76 6.50 -26.43
CA PHE A 226 -5.94 5.69 -25.53
C PHE A 226 -5.16 6.64 -24.63
N ARG A 227 -5.50 6.66 -23.34
CA ARG A 227 -5.09 7.71 -22.43
C ARG A 227 -3.98 7.23 -21.50
N SER A 228 -2.99 8.09 -21.29
CA SER A 228 -1.94 7.88 -20.31
C SER A 228 -1.86 9.11 -19.41
N GLN A 229 -1.44 8.89 -18.17
CA GLN A 229 -1.17 9.97 -17.22
C GLN A 229 0.35 10.01 -17.01
N LEU A 230 0.99 11.05 -17.55
CA LEU A 230 2.43 11.16 -17.52
C LEU A 230 2.92 11.63 -16.16
N PRO A 231 4.14 11.24 -15.76
CA PRO A 231 4.72 11.83 -14.54
C PRO A 231 4.97 13.32 -14.73
N SER A 232 4.96 14.04 -13.61
CA SER A 232 5.16 15.48 -13.62
C SER A 232 6.25 15.84 -12.61
N SER A 233 7.15 16.73 -13.02
CA SER A 233 8.27 17.09 -12.16
C SER A 233 7.90 18.14 -11.12
N GLY A 234 6.77 18.81 -11.29
CA GLY A 234 6.36 19.83 -10.33
C GLY A 234 5.04 20.44 -10.76
N GLY A 235 4.50 21.28 -9.89
CA GLY A 235 3.23 21.88 -10.21
C GLY A 235 2.10 20.89 -10.01
N ARG A 236 0.98 21.16 -10.68
CA ARG A 236 -0.22 20.34 -10.56
C ARG A 236 -0.70 19.85 -11.92
N SER A 237 0.20 19.75 -12.89
CA SER A 237 -0.15 19.20 -14.20
C SER A 237 -0.63 17.77 -14.04
N ASN A 238 -1.80 17.47 -14.61
CA ASN A 238 -2.30 16.10 -14.57
C ASN A 238 -1.60 15.20 -15.57
N GLY A 239 -0.78 15.76 -16.46
CA GLY A 239 0.02 14.96 -17.38
C GLY A 239 -0.79 14.04 -18.27
N VAL A 240 -1.98 14.45 -18.67
CA VAL A 240 -2.86 13.60 -19.46
C VAL A 240 -2.46 13.71 -20.92
N LEU A 241 -2.15 12.56 -21.53
CA LEU A 241 -1.76 12.50 -22.94
C LEU A 241 -2.59 11.42 -23.62
N ASP A 242 -3.36 11.80 -24.62
CA ASP A 242 -4.19 10.88 -25.39
C ASP A 242 -3.52 10.60 -26.73
N CYS A 243 -3.60 9.34 -27.16
CA CYS A 243 -3.11 8.96 -28.48
C CYS A 243 -4.22 8.25 -29.24
N LEU A 244 -4.19 8.36 -30.56
CA LEU A 244 -5.25 7.80 -31.39
C LEU A 244 -5.21 6.28 -31.41
N VAL A 245 -4.02 5.70 -31.34
CA VAL A 245 -3.79 4.28 -31.57
C VAL A 245 -2.56 3.91 -30.78
N PRO A 246 -2.54 2.77 -30.07
CA PRO A 246 -1.36 2.43 -29.27
C PRO A 246 -0.17 2.07 -30.15
N GLN A 247 1.02 2.19 -29.55
CA GLN A 247 2.26 1.98 -30.30
C GLN A 247 2.35 0.57 -30.86
N GLU A 248 1.80 -0.41 -30.16
CA GLU A 248 1.84 -1.78 -30.67
C GLU A 248 1.01 -1.94 -31.94
N TRP A 249 -0.04 -1.13 -32.11
CA TRP A 249 -0.78 -1.15 -33.37
C TRP A 249 0.02 -0.47 -34.47
N VAL A 250 0.72 0.61 -34.14
CA VAL A 250 1.66 1.22 -35.08
C VAL A 250 2.63 0.16 -35.61
N GLN A 251 3.22 -0.61 -34.69
CA GLN A 251 4.17 -1.64 -35.08
C GLN A 251 3.49 -2.77 -35.82
N HIS A 252 2.27 -3.13 -35.41
CA HIS A 252 1.58 -4.28 -36.02
C HIS A 252 1.15 -3.97 -37.45
N PHE A 253 0.50 -2.83 -37.67
CA PHE A 253 0.05 -2.49 -39.02
C PHE A 253 1.24 -2.32 -39.96
N TYR A 254 2.34 -1.74 -39.47
CA TYR A 254 3.53 -1.58 -40.29
C TYR A 254 4.06 -2.94 -40.75
N GLN A 255 4.08 -3.92 -39.86
CA GLN A 255 4.54 -5.26 -40.23
C GLN A 255 3.57 -5.91 -41.22
N GLU A 256 2.28 -5.87 -40.91
CA GLU A 256 1.30 -6.61 -41.70
C GLU A 256 1.07 -5.97 -43.08
N SER A 257 0.90 -4.64 -43.11
CA SER A 257 0.65 -3.91 -44.34
C SER A 257 -0.56 -4.48 -45.09
N ALA A 258 -1.59 -4.85 -44.33
CA ALA A 258 -2.76 -5.49 -44.92
C ALA A 258 -3.58 -4.47 -45.71
N PRO A 259 -4.07 -4.84 -46.90
CA PRO A 259 -4.85 -3.88 -47.70
C PRO A 259 -6.16 -3.53 -47.01
N ALA A 260 -6.45 -2.23 -46.94
CA ALA A 260 -7.69 -1.74 -46.35
C ALA A 260 -8.80 -1.88 -47.37
N GLN A 261 -9.72 -2.77 -47.11
CA GLN A 261 -10.84 -3.00 -47.98
C GLN A 261 -11.81 -1.88 -48.11
N THR A 262 -12.06 -1.16 -47.04
CA THR A 262 -12.95 -0.03 -47.01
C THR A 262 -12.31 1.08 -46.20
N GLN A 263 -13.00 2.18 -46.05
CA GLN A 263 -12.60 3.22 -45.16
C GLN A 263 -12.72 2.96 -43.69
N VAL A 264 -13.57 2.06 -43.28
CA VAL A 264 -13.92 1.88 -41.88
C VAL A 264 -13.86 0.40 -41.54
N ALA A 265 -13.21 0.07 -40.43
CA ALA A 265 -13.19 -1.29 -39.88
C ALA A 265 -14.06 -1.34 -38.63
N LEU A 266 -15.00 -2.28 -38.61
CA LEU A 266 -15.83 -2.49 -37.43
C LEU A 266 -15.05 -3.31 -36.41
N VAL A 267 -14.91 -2.78 -35.20
CA VAL A 267 -14.16 -3.41 -34.13
C VAL A 267 -15.07 -3.54 -32.92
N ARG A 268 -14.85 -4.57 -32.12
CA ARG A 268 -15.63 -4.80 -30.92
C ARG A 268 -14.72 -5.16 -29.74
N TYR A 269 -15.05 -4.59 -28.58
CA TYR A 269 -14.36 -4.93 -27.33
C TYR A 269 -15.08 -6.10 -26.69
N VAL A 270 -14.37 -7.22 -26.56
CA VAL A 270 -14.98 -8.47 -26.10
C VAL A 270 -14.37 -8.87 -24.77
N ASN A 271 -15.18 -9.54 -23.96
CA ASN A 271 -14.72 -10.07 -22.67
C ASN A 271 -14.56 -11.58 -22.76
N PRO A 272 -13.34 -12.10 -22.75
CA PRO A 272 -13.16 -13.56 -22.80
C PRO A 272 -13.62 -14.28 -21.55
N ASP A 273 -13.70 -13.63 -20.42
CA ASP A 273 -14.28 -14.20 -19.21
C ASP A 273 -15.74 -14.47 -19.32
N THR A 274 -16.40 -13.65 -20.08
CA THR A 274 -17.81 -13.60 -20.14
C THR A 274 -18.38 -14.10 -21.44
N GLY A 275 -17.69 -13.95 -22.53
CA GLY A 275 -18.25 -14.19 -23.83
C GLY A 275 -19.00 -13.02 -24.47
N ARG A 276 -19.43 -12.08 -23.68
CA ARG A 276 -20.19 -10.93 -24.14
C ARG A 276 -19.28 -9.90 -24.79
N VAL A 277 -19.84 -9.19 -25.76
CA VAL A 277 -19.25 -7.98 -26.30
C VAL A 277 -19.70 -6.81 -25.43
N LEU A 278 -18.79 -5.88 -25.14
CA LEU A 278 -19.14 -4.74 -24.30
C LEU A 278 -19.48 -3.50 -25.09
N PHE A 279 -18.72 -3.18 -26.13
CA PHE A 279 -19.10 -2.09 -27.02
C PHE A 279 -18.46 -2.32 -28.38
N GLU A 280 -19.00 -1.63 -29.38
CA GLU A 280 -18.46 -1.64 -30.74
C GLU A 280 -17.94 -0.27 -31.10
N ALA A 281 -17.08 -0.23 -32.12
CA ALA A 281 -16.43 1.01 -32.50
C ALA A 281 -16.04 0.93 -33.97
N LYS A 282 -15.73 2.10 -34.53
CA LYS A 282 -15.21 2.21 -35.88
C LYS A 282 -13.71 2.48 -35.82
N LEU A 283 -12.94 1.72 -36.60
CA LEU A 283 -11.51 1.97 -36.77
C LEU A 283 -11.30 2.49 -38.18
N HIS A 284 -11.00 3.78 -38.29
CA HIS A 284 -10.94 4.44 -39.59
C HIS A 284 -9.59 4.22 -40.27
N LYS A 285 -9.59 4.33 -41.60
CA LYS A 285 -8.40 4.00 -42.39
C LYS A 285 -7.22 4.88 -42.01
N LEU A 286 -7.46 6.14 -41.65
CA LEU A 286 -6.38 7.04 -41.29
C LEU A 286 -5.87 6.82 -39.87
N GLY A 287 -6.37 5.80 -39.17
CA GLY A 287 -5.79 5.40 -37.90
C GLY A 287 -6.37 6.08 -36.67
N PHE A 288 -7.69 6.01 -36.50
CA PHE A 288 -8.33 6.53 -35.30
C PHE A 288 -9.67 5.84 -35.11
N MET A 289 -10.20 5.97 -33.90
CA MET A 289 -11.40 5.26 -33.49
C MET A 289 -12.50 6.24 -33.10
N THR A 290 -13.74 5.87 -33.41
CA THR A 290 -14.91 6.60 -32.96
C THR A 290 -15.92 5.65 -32.35
N ILE A 291 -16.64 6.15 -31.35
CA ILE A 291 -17.67 5.40 -30.64
C ILE A 291 -18.92 6.27 -30.57
N ALA A 292 -20.05 5.62 -30.32
CA ALA A 292 -21.32 6.33 -30.14
C ALA A 292 -21.47 6.67 -28.67
N LYS A 293 -21.03 7.87 -28.30
CA LYS A 293 -21.15 8.34 -26.92
C LYS A 293 -21.12 9.86 -26.92
N ASN A 294 -21.66 10.43 -25.84
CA ASN A 294 -21.73 11.88 -25.69
C ASN A 294 -21.16 12.28 -24.34
N GLY A 295 -20.23 13.23 -24.35
CA GLY A 295 -19.66 13.77 -23.14
C GLY A 295 -18.21 13.33 -22.95
N ASP A 296 -17.53 14.03 -22.05
CA ASP A 296 -16.18 13.67 -21.64
C ASP A 296 -16.29 12.62 -20.55
N SER A 297 -15.82 11.41 -20.84
CA SER A 297 -16.07 10.29 -19.95
C SER A 297 -15.03 9.21 -20.20
N PRO A 298 -14.61 8.50 -19.15
CA PRO A 298 -13.81 7.29 -19.35
C PRO A 298 -14.66 6.15 -19.88
N ILE A 299 -13.99 5.16 -20.45
CA ILE A 299 -14.61 3.91 -20.88
C ILE A 299 -13.98 2.81 -20.04
N THR A 300 -14.67 2.43 -18.97
CA THR A 300 -14.15 1.40 -18.08
C THR A 300 -14.32 0.03 -18.72
N VAL A 301 -13.23 -0.72 -18.81
CA VAL A 301 -13.22 -2.01 -19.50
C VAL A 301 -12.71 -3.09 -18.54
N PRO A 302 -13.15 -4.33 -18.70
CA PRO A 302 -12.68 -5.41 -17.81
C PRO A 302 -11.21 -5.68 -18.04
N PRO A 303 -10.52 -6.26 -17.04
CA PRO A 303 -9.06 -6.42 -17.16
C PRO A 303 -8.64 -7.38 -18.25
N ASN A 304 -9.49 -8.32 -18.67
CA ASN A 304 -9.10 -9.28 -19.69
C ASN A 304 -9.68 -8.97 -21.06
N GLY A 305 -10.47 -7.90 -21.19
CA GLY A 305 -11.04 -7.55 -22.47
C GLY A 305 -9.99 -7.10 -23.47
N TYR A 306 -10.38 -7.09 -24.75
CA TYR A 306 -9.49 -6.70 -25.83
C TYR A 306 -10.30 -6.33 -27.05
N PHE A 307 -9.70 -5.50 -27.90
CA PHE A 307 -10.32 -5.13 -29.16
C PHE A 307 -10.19 -6.25 -30.17
N ARG A 308 -11.24 -6.46 -30.95
CA ARG A 308 -11.34 -7.57 -31.89
C ARG A 308 -11.89 -7.07 -33.20
N PHE A 309 -11.20 -7.37 -34.30
CA PHE A 309 -11.64 -6.95 -35.62
C PHE A 309 -12.80 -7.82 -36.08
N GLU A 310 -13.89 -7.19 -36.53
CA GLU A 310 -15.08 -7.92 -37.01
C GLU A 310 -15.27 -8.01 -38.54
N SER A 311 -15.22 -6.86 -39.21
CA SER A 311 -15.18 -6.82 -40.64
C SER A 311 -14.98 -5.43 -41.11
N TRP A 312 -14.76 -5.29 -42.39
CA TRP A 312 -14.82 -4.05 -43.05
C TRP A 312 -16.23 -3.60 -43.25
N VAL A 313 -16.46 -2.35 -42.91
CA VAL A 313 -17.78 -1.71 -42.94
C VAL A 313 -17.65 -0.26 -43.44
N ASN A 314 -18.75 0.33 -43.89
CA ASN A 314 -18.72 1.61 -44.58
C ASN A 314 -18.93 2.74 -43.57
N PRO A 315 -18.65 4.00 -43.92
CA PRO A 315 -18.76 5.08 -42.93
C PRO A 315 -20.17 5.33 -42.43
N PHE A 316 -21.20 4.78 -43.08
CA PHE A 316 -22.58 5.04 -42.70
C PHE A 316 -23.10 4.05 -41.66
N TYR A 317 -22.22 3.21 -41.11
CA TYR A 317 -22.62 2.26 -40.08
C TYR A 317 -23.05 2.98 -38.81
N THR A 318 -24.11 2.49 -38.19
CA THR A 318 -24.61 3.04 -36.93
C THR A 318 -24.16 2.12 -35.81
N LEU A 319 -23.30 2.64 -34.93
CA LEU A 319 -22.83 1.87 -33.79
C LEU A 319 -23.87 1.87 -32.68
N ALA A 320 -23.90 0.79 -31.92
CA ALA A 320 -24.74 0.73 -30.74
C ALA A 320 -24.23 1.75 -29.72
N PRO A 321 -25.09 2.58 -29.15
CA PRO A 321 -24.62 3.63 -28.24
C PRO A 321 -24.11 3.06 -26.93
N MET A 322 -23.27 3.83 -26.26
CA MET A 322 -22.70 3.43 -24.99
C MET A 322 -23.37 4.18 -23.84
N THR B 8 2.37 15.06 50.17
CA THR B 8 1.27 15.31 49.23
C THR B 8 1.66 14.86 47.82
N LYS B 9 0.83 14.02 47.23
CA LYS B 9 1.16 13.44 45.93
C LYS B 9 1.02 14.48 44.82
N PRO B 10 2.05 14.70 44.02
CA PRO B 10 1.93 15.68 42.93
C PRO B 10 1.11 15.15 41.77
N PHE B 11 0.45 16.07 41.08
CA PHE B 11 -0.35 15.74 39.90
C PHE B 11 0.57 15.56 38.70
N THR B 12 0.35 14.49 37.94
CA THR B 12 1.15 14.19 36.77
C THR B 12 0.25 13.71 35.64
N LEU B 13 0.72 13.88 34.42
CA LEU B 13 0.14 13.30 33.23
C LEU B 13 1.01 12.17 32.72
N PRO B 14 0.42 11.11 32.16
CA PRO B 14 1.24 10.10 31.48
C PRO B 14 1.82 10.69 30.21
N ILE B 15 3.04 10.25 29.88
CA ILE B 15 3.74 10.74 28.69
C ILE B 15 3.25 9.90 27.52
N LEU B 16 2.26 10.43 26.79
CA LEU B 16 1.65 9.70 25.70
C LEU B 16 1.59 10.55 24.44
N THR B 17 1.84 9.91 23.31
CA THR B 17 1.75 10.50 21.99
C THR B 17 0.28 10.55 21.54
N ILE B 18 0.00 11.38 20.54
CA ILE B 18 -1.32 11.38 19.91
C ILE B 18 -1.74 9.98 19.49
N SER B 19 -0.80 9.21 18.93
CA SER B 19 -1.07 7.87 18.43
C SER B 19 -1.00 6.80 19.51
N GLU B 20 -0.84 7.19 20.78
CA GLU B 20 -0.81 6.26 21.89
C GLU B 20 -1.98 6.48 22.85
N MET B 21 -3.02 7.16 22.40
CA MET B 21 -4.17 7.50 23.25
C MET B 21 -5.42 6.82 22.72
N SER B 22 -6.29 6.41 23.65
CA SER B 22 -7.54 5.76 23.31
C SER B 22 -8.71 6.68 23.60
N ASN B 23 -9.75 6.59 22.77
CA ASN B 23 -10.99 7.30 23.04
C ASN B 23 -11.62 6.76 24.31
N SER B 24 -12.14 7.67 25.14
CA SER B 24 -12.75 7.29 26.41
C SER B 24 -14.26 7.13 26.31
N ARG B 25 -14.84 7.33 25.12
CA ARG B 25 -16.26 7.09 24.88
C ARG B 25 -16.50 5.97 23.88
N PHE B 26 -15.44 5.35 23.37
CA PHE B 26 -15.55 4.20 22.46
C PHE B 26 -14.21 3.48 22.46
N PRO B 27 -14.20 2.15 22.29
CA PRO B 27 -12.94 1.39 22.31
C PRO B 27 -12.16 1.51 21.01
N VAL B 28 -11.70 2.72 20.71
CA VAL B 28 -10.93 2.99 19.50
C VAL B 28 -9.78 3.93 19.84
N PRO B 29 -8.75 3.96 19.01
CA PRO B 29 -7.66 4.92 19.23
C PRO B 29 -8.10 6.33 18.89
N ILE B 30 -7.40 7.29 19.48
CA ILE B 30 -7.63 8.70 19.16
C ILE B 30 -6.92 9.01 17.84
N ASP B 31 -7.61 9.71 16.96
CA ASP B 31 -7.08 9.99 15.63
C ASP B 31 -6.54 11.41 15.49
N SER B 32 -7.10 12.37 16.21
CA SER B 32 -6.69 13.77 16.04
C SER B 32 -7.15 14.58 17.24
N LEU B 33 -6.65 15.82 17.30
CA LEU B 33 -7.12 16.83 18.23
C LEU B 33 -8.00 17.81 17.48
N HIS B 34 -9.07 18.28 18.14
CA HIS B 34 -10.03 19.17 17.49
C HIS B 34 -10.50 20.22 18.49
N THR B 35 -10.92 21.36 17.95
CA THR B 35 -11.54 22.41 18.75
C THR B 35 -12.70 23.00 17.96
N SER B 36 -13.66 23.58 18.69
CA SER B 36 -14.87 24.10 18.08
C SER B 36 -15.66 24.95 19.07
N PRO B 37 -16.39 25.95 18.61
CA PRO B 37 -17.38 26.60 19.48
C PRO B 37 -18.43 25.59 19.92
N THR B 38 -18.87 25.72 21.18
CA THR B 38 -19.82 24.76 21.75
C THR B 38 -21.01 25.46 22.41
N GLU B 39 -21.36 26.66 21.93
CA GLU B 39 -22.52 27.35 22.47
C GLU B 39 -23.82 26.64 22.07
N ASN B 40 -23.88 26.13 20.86
CA ASN B 40 -25.10 25.55 20.31
C ASN B 40 -25.24 24.06 20.60
N ILE B 41 -24.41 23.51 21.49
CA ILE B 41 -24.52 22.12 21.91
C ILE B 41 -24.25 22.03 23.40
N VAL B 42 -24.76 20.96 24.00
CA VAL B 42 -24.54 20.65 25.41
C VAL B 42 -23.45 19.59 25.47
N VAL B 43 -22.33 19.91 26.03
CA VAL B 43 -21.26 18.96 26.23
C VAL B 43 -21.35 18.40 27.58
N GLN B 44 -22.09 17.29 27.70
CA GLN B 44 -22.33 16.61 28.99
C GLN B 44 -21.99 15.11 29.08
N CYS B 45 -21.16 14.64 28.15
CA CYS B 45 -20.99 13.21 27.87
C CYS B 45 -20.55 12.43 29.10
N GLN B 46 -21.11 11.24 29.24
CA GLN B 46 -21.06 10.52 30.51
C GLN B 46 -19.91 9.52 30.61
N ASN B 47 -19.38 9.05 29.49
CA ASN B 47 -18.18 8.24 29.51
C ASN B 47 -16.94 9.13 29.41
N GLY B 48 -15.83 8.64 29.94
CA GLY B 48 -14.61 9.43 29.96
C GLY B 48 -14.72 10.67 30.82
N ARG B 49 -15.44 10.58 31.94
CA ARG B 49 -15.63 11.69 32.86
C ARG B 49 -14.92 11.36 34.16
N VAL B 50 -13.85 12.12 34.44
CA VAL B 50 -13.05 11.92 35.63
C VAL B 50 -12.55 13.28 36.09
N THR B 51 -12.48 13.48 37.40
CA THR B 51 -11.88 14.69 37.93
C THR B 51 -10.37 14.52 37.99
N LEU B 52 -9.66 15.67 38.03
CA LEU B 52 -8.21 15.62 38.05
C LEU B 52 -7.68 14.93 39.29
N ASP B 53 -8.44 14.95 40.40
CA ASP B 53 -8.05 14.24 41.61
C ASP B 53 -8.58 12.81 41.64
N GLY B 54 -9.01 12.27 40.50
CA GLY B 54 -9.21 10.84 40.35
C GLY B 54 -10.58 10.30 40.63
N GLU B 55 -11.62 11.12 40.56
CA GLU B 55 -12.98 10.68 40.86
C GLU B 55 -13.74 10.45 39.55
N LEU B 56 -14.21 9.22 39.35
CA LEU B 56 -15.00 8.91 38.18
C LEU B 56 -16.41 9.47 38.31
N MET B 57 -16.99 9.86 37.18
CA MET B 57 -18.33 10.45 37.15
C MET B 57 -19.14 9.81 36.03
N GLY B 58 -20.44 10.05 36.06
CA GLY B 58 -21.32 9.53 35.02
C GLY B 58 -21.30 8.02 34.99
N THR B 59 -21.15 7.46 33.79
CA THR B 59 -21.06 6.02 33.59
C THR B 59 -19.63 5.57 33.31
N THR B 60 -18.64 6.35 33.74
CA THR B 60 -17.26 6.06 33.41
C THR B 60 -16.72 4.89 34.24
N GLN B 61 -16.06 3.96 33.58
CA GLN B 61 -15.37 2.85 34.22
C GLN B 61 -13.97 2.73 33.60
N LEU B 62 -13.23 1.72 34.01
CA LEU B 62 -11.79 1.67 33.72
C LEU B 62 -11.45 0.90 32.45
N LEU B 63 -12.22 -0.11 32.09
CA LEU B 63 -11.81 -1.03 31.02
C LEU B 63 -11.99 -0.37 29.66
N PRO B 64 -10.94 -0.25 28.84
CA PRO B 64 -11.08 0.42 27.55
C PRO B 64 -12.01 -0.29 26.60
N SER B 65 -12.10 -1.63 26.68
CA SER B 65 -12.91 -2.40 25.74
C SER B 65 -14.39 -2.37 26.07
N GLN B 66 -14.77 -1.94 27.27
CA GLN B 66 -16.14 -2.08 27.74
C GLN B 66 -16.97 -0.81 27.55
N ILE B 67 -16.41 0.23 26.93
CA ILE B 67 -17.20 1.43 26.66
C ILE B 67 -18.15 1.13 25.50
N CYS B 68 -19.44 1.40 25.72
CA CYS B 68 -20.53 1.07 24.80
C CYS B 68 -20.74 -0.43 24.66
N ALA B 69 -20.25 -1.23 25.60
CA ALA B 69 -20.46 -2.67 25.63
C ALA B 69 -21.45 -3.02 26.74
N PHE B 70 -21.89 -4.28 26.74
CA PHE B 70 -22.71 -4.77 27.84
C PHE B 70 -22.57 -6.28 27.97
N ARG B 71 -22.84 -6.74 29.19
CA ARG B 71 -23.07 -8.14 29.49
C ARG B 71 -24.50 -8.30 29.96
N GLY B 72 -25.08 -9.47 29.74
CA GLY B 72 -26.42 -9.72 30.22
C GLY B 72 -27.00 -11.00 29.63
N THR B 73 -28.32 -11.13 29.76
CA THR B 73 -29.05 -12.29 29.27
C THR B 73 -29.97 -11.86 28.14
N LEU B 74 -30.00 -12.63 27.06
CA LEU B 74 -30.77 -12.33 25.87
C LEU B 74 -32.06 -13.14 25.84
N THR B 75 -33.12 -12.51 25.35
CA THR B 75 -34.41 -13.16 25.14
C THR B 75 -35.06 -12.54 23.92
N ARG B 76 -36.02 -13.27 23.34
CA ARG B 76 -36.66 -12.83 22.11
C ARG B 76 -37.81 -11.86 22.41
N SER B 77 -37.96 -10.86 21.54
CA SER B 77 -39.05 -9.89 21.61
C SER B 77 -39.28 -9.36 20.21
N THR B 78 -40.54 -9.36 19.77
CA THR B 78 -40.87 -9.11 18.35
C THR B 78 -39.94 -9.96 17.48
N LEU B 92 -30.97 -6.06 5.90
CA LEU B 92 -31.78 -5.28 6.83
C LEU B 92 -31.81 -5.96 8.20
N PHE B 93 -31.74 -5.15 9.26
CA PHE B 93 -31.67 -5.68 10.63
C PHE B 93 -33.09 -5.84 11.14
N ASN B 94 -33.63 -7.05 10.96
CA ASN B 94 -35.04 -7.36 11.16
C ASN B 94 -35.35 -7.84 12.57
N TYR B 95 -34.46 -8.63 13.16
CA TYR B 95 -34.78 -9.39 14.36
C TYR B 95 -34.50 -8.57 15.61
N TYR B 96 -35.51 -8.47 16.47
CA TYR B 96 -35.44 -7.69 17.70
C TYR B 96 -35.23 -8.62 18.88
N TRP B 97 -34.42 -8.20 19.84
CA TRP B 97 -34.09 -9.01 21.00
C TRP B 97 -34.03 -8.15 22.25
N HIS B 98 -34.48 -8.71 23.36
CA HIS B 98 -34.46 -8.04 24.66
C HIS B 98 -33.25 -8.48 25.45
N ILE B 99 -32.55 -7.52 26.06
CA ILE B 99 -31.35 -7.78 26.86
C ILE B 99 -31.64 -7.38 28.29
N GLN B 100 -31.58 -8.36 29.20
CA GLN B 100 -31.59 -8.07 30.62
C GLN B 100 -30.14 -7.84 31.05
N LEU B 101 -29.83 -6.63 31.50
CA LEU B 101 -28.46 -6.19 31.67
C LEU B 101 -27.93 -6.54 33.05
N ASP B 102 -26.72 -7.09 33.08
CA ASP B 102 -25.93 -7.19 34.29
C ASP B 102 -24.89 -6.08 34.29
N ASN B 103 -24.14 -5.99 35.39
CA ASN B 103 -22.99 -5.11 35.39
C ASN B 103 -21.88 -5.72 34.53
N LEU B 104 -20.91 -4.88 34.15
CA LEU B 104 -19.85 -5.31 33.25
C LEU B 104 -19.01 -6.43 33.84
N ASN B 105 -19.04 -6.60 35.16
CA ASN B 105 -18.33 -7.71 35.81
C ASN B 105 -19.22 -8.93 36.03
N GLY B 106 -20.41 -8.95 35.44
CA GLY B 106 -21.32 -10.07 35.60
C GLY B 106 -22.16 -10.05 36.85
N THR B 107 -21.95 -9.07 37.74
CA THR B 107 -22.69 -8.85 38.97
C THR B 107 -24.04 -8.21 38.64
N PRO B 108 -25.11 -8.58 39.37
CA PRO B 108 -26.44 -8.01 39.05
C PRO B 108 -26.44 -6.49 39.10
N TYR B 109 -27.04 -5.88 38.08
CA TYR B 109 -27.14 -4.43 38.03
C TYR B 109 -28.25 -3.96 38.96
N ASP B 110 -27.92 -3.00 39.82
CA ASP B 110 -28.88 -2.44 40.76
C ASP B 110 -29.31 -1.07 40.27
N PRO B 111 -30.56 -0.88 39.85
CA PRO B 111 -31.00 0.45 39.39
C PRO B 111 -31.12 1.49 40.50
N ALA B 112 -30.90 1.11 41.75
CA ALA B 112 -30.89 2.06 42.85
C ALA B 112 -29.54 2.74 43.04
N GLU B 113 -28.50 2.25 42.35
CA GLU B 113 -27.20 2.89 42.37
C GLU B 113 -27.31 4.34 41.89
N ASP B 114 -26.46 5.20 42.44
CA ASP B 114 -26.50 6.63 42.12
C ASP B 114 -25.63 6.93 40.88
N ILE B 115 -26.04 6.31 39.78
CA ILE B 115 -25.41 6.50 38.48
C ILE B 115 -26.50 6.67 37.43
N PRO B 116 -26.17 7.30 36.29
CA PRO B 116 -27.20 7.49 35.26
C PRO B 116 -27.70 6.20 34.64
N ALA B 117 -26.86 5.18 34.57
CA ALA B 117 -27.14 3.93 33.88
C ALA B 117 -26.00 2.97 34.23
N PRO B 118 -26.05 1.70 33.82
CA PRO B 118 -24.90 0.83 34.04
C PRO B 118 -23.63 1.44 33.45
N LEU B 119 -22.51 1.25 34.13
CA LEU B 119 -21.25 1.79 33.66
C LEU B 119 -20.93 1.28 32.27
N GLY B 120 -20.45 2.18 31.41
CA GLY B 120 -20.16 1.83 30.04
C GLY B 120 -21.31 2.00 29.07
N THR B 121 -22.48 2.40 29.56
CA THR B 121 -23.63 2.63 28.69
C THR B 121 -23.29 3.72 27.68
N PRO B 122 -23.72 3.59 26.41
CA PRO B 122 -23.52 4.68 25.45
C PRO B 122 -24.13 5.99 25.95
N ASP B 123 -23.44 7.09 25.64
CA ASP B 123 -23.86 8.41 26.07
C ASP B 123 -24.15 9.33 24.89
N PHE B 124 -24.59 8.75 23.77
CA PHE B 124 -24.97 9.53 22.60
C PHE B 124 -26.24 8.94 22.00
N ARG B 125 -26.88 9.71 21.14
CA ARG B 125 -28.06 9.27 20.42
C ARG B 125 -27.67 8.71 19.06
N GLY B 126 -28.18 7.53 18.75
CA GLY B 126 -27.88 6.89 17.48
C GLY B 126 -27.97 5.38 17.63
N LYS B 127 -27.20 4.68 16.80
CA LYS B 127 -27.12 3.23 16.81
C LYS B 127 -25.67 2.82 16.95
N VAL B 128 -25.37 2.04 17.98
CA VAL B 128 -24.04 1.47 18.15
C VAL B 128 -23.98 0.15 17.39
N PHE B 129 -23.05 0.04 16.45
CA PHE B 129 -22.90 -1.14 15.61
C PHE B 129 -21.79 -2.01 16.17
N GLY B 130 -22.08 -3.31 16.30
CA GLY B 130 -21.11 -4.23 16.86
C GLY B 130 -21.45 -5.69 16.62
N VAL B 131 -21.08 -6.55 17.56
CA VAL B 131 -21.33 -7.99 17.45
C VAL B 131 -21.82 -8.50 18.79
N ALA B 132 -22.97 -9.16 18.79
CA ALA B 132 -23.47 -9.87 19.97
C ALA B 132 -23.04 -11.32 19.89
N SER B 133 -22.53 -11.85 21.01
CA SER B 133 -22.02 -13.21 21.05
C SER B 133 -22.58 -13.95 22.26
N GLN B 134 -22.69 -15.27 22.13
CA GLN B 134 -23.21 -16.13 23.17
C GLN B 134 -22.36 -17.39 23.29
N ARG B 135 -22.17 -17.85 24.52
CA ARG B 135 -21.59 -19.14 24.81
C ARG B 135 -22.49 -19.87 25.79
N ASN B 136 -22.84 -21.10 25.48
CA ASN B 136 -23.86 -21.84 26.20
C ASN B 136 -23.26 -22.84 27.16
N PRO B 137 -24.01 -23.23 28.19
CA PRO B 137 -23.48 -24.23 29.14
C PRO B 137 -22.99 -25.50 28.47
N ASP B 138 -23.57 -25.88 27.34
CA ASP B 138 -23.07 -27.03 26.58
C ASP B 138 -21.92 -26.67 25.65
N SER B 139 -21.37 -25.45 25.81
CA SER B 139 -20.18 -24.95 25.12
C SER B 139 -20.42 -24.60 23.65
N THR B 140 -21.67 -24.54 23.20
CA THR B 140 -21.96 -24.08 21.84
C THR B 140 -21.98 -22.56 21.81
N THR B 141 -21.51 -21.99 20.68
CA THR B 141 -21.29 -20.56 20.60
C THR B 141 -21.89 -19.98 19.32
N ARG B 142 -22.22 -18.68 19.39
CA ARG B 142 -22.73 -17.91 18.26
C ARG B 142 -22.25 -16.47 18.40
N ALA B 143 -22.16 -15.77 17.27
CA ALA B 143 -21.81 -14.36 17.26
C ALA B 143 -22.20 -13.76 15.92
N HIS B 144 -22.92 -12.63 15.95
CA HIS B 144 -23.42 -12.00 14.74
C HIS B 144 -23.46 -10.49 14.93
N GLU B 145 -23.55 -9.79 13.80
CA GLU B 145 -23.69 -8.34 13.83
C GLU B 145 -24.97 -7.94 14.56
N ALA B 146 -24.89 -6.81 15.27
CA ALA B 146 -26.03 -6.32 16.04
C ALA B 146 -25.90 -4.82 16.21
N LYS B 147 -27.04 -4.17 16.45
CA LYS B 147 -27.09 -2.73 16.65
C LYS B 147 -27.88 -2.41 17.91
N VAL B 148 -27.41 -1.42 18.65
CA VAL B 148 -28.08 -0.93 19.85
C VAL B 148 -28.61 0.47 19.54
N ASP B 149 -29.93 0.61 19.47
CA ASP B 149 -30.55 1.91 19.21
C ASP B 149 -30.80 2.61 20.55
N THR B 150 -30.03 3.66 20.81
CA THR B 150 -30.15 4.40 22.06
C THR B 150 -31.27 5.44 22.04
N THR B 151 -31.95 5.60 20.90
CA THR B 151 -33.12 6.46 20.82
C THR B 151 -34.44 5.70 20.92
N SER B 152 -34.39 4.37 20.97
CA SER B 152 -35.59 3.57 21.05
C SER B 152 -36.23 3.69 22.42
N GLY B 153 -37.57 3.62 22.43
CA GLY B 153 -38.31 3.67 23.69
C GLY B 153 -38.03 2.52 24.61
N ARG B 154 -37.49 1.42 24.09
CA ARG B 154 -37.12 0.26 24.90
C ARG B 154 -35.63 0.25 25.24
N PHE B 155 -34.91 1.33 24.93
CA PHE B 155 -33.57 1.56 25.45
C PHE B 155 -33.73 2.14 26.85
N THR B 156 -33.77 1.26 27.84
CA THR B 156 -33.88 1.69 29.22
C THR B 156 -32.86 0.95 30.05
N PRO B 157 -31.59 1.29 29.88
CA PRO B 157 -30.53 0.61 30.66
C PRO B 157 -30.56 0.98 32.13
N LYS B 158 -30.99 2.19 32.47
CA LYS B 158 -31.15 2.55 33.88
C LYS B 158 -32.15 1.63 34.57
N LEU B 159 -33.21 1.24 33.85
CA LEU B 159 -34.17 0.28 34.37
C LEU B 159 -33.66 -1.16 34.29
N GLY B 160 -32.53 -1.38 33.64
CA GLY B 160 -31.90 -2.68 33.61
C GLY B 160 -32.05 -3.48 32.32
N SER B 161 -32.44 -2.84 31.21
CA SER B 161 -32.67 -3.60 29.99
C SER B 161 -32.56 -2.69 28.78
N LEU B 162 -32.09 -3.25 27.67
CA LEU B 162 -32.12 -2.58 26.38
C LEU B 162 -32.47 -3.60 25.30
N GLU B 163 -32.55 -3.11 24.07
CA GLU B 163 -32.94 -3.92 22.93
C GLU B 163 -31.87 -3.84 21.85
N ILE B 164 -31.47 -4.99 21.34
CA ILE B 164 -30.57 -5.05 20.20
C ILE B 164 -31.38 -5.45 18.97
N THR B 165 -30.83 -5.12 17.81
CA THR B 165 -31.38 -5.51 16.51
C THR B 165 -30.33 -6.29 15.76
N THR B 166 -30.75 -7.37 15.09
CA THR B 166 -29.81 -8.20 14.33
C THR B 166 -30.41 -8.55 12.98
N GLU B 167 -29.52 -8.83 12.02
CA GLU B 167 -29.91 -9.37 10.73
C GLU B 167 -29.98 -10.90 10.74
N SER B 168 -29.15 -11.54 11.56
CA SER B 168 -29.19 -12.99 11.73
C SER B 168 -30.19 -13.36 12.81
N ASP B 169 -30.88 -14.48 12.61
CA ASP B 169 -31.83 -15.00 13.58
C ASP B 169 -31.23 -16.10 14.44
N ASP B 170 -29.91 -16.31 14.36
CA ASP B 170 -29.24 -17.40 15.08
C ASP B 170 -28.80 -16.88 16.45
N PHE B 171 -29.76 -16.78 17.36
CA PHE B 171 -29.49 -16.46 18.75
C PHE B 171 -30.39 -17.33 19.62
N ASP B 172 -29.82 -17.85 20.70
CA ASP B 172 -30.57 -18.74 21.57
C ASP B 172 -31.10 -17.97 22.76
N PRO B 173 -32.40 -18.07 23.06
CA PRO B 173 -32.96 -17.32 24.20
C PRO B 173 -32.43 -17.82 25.53
N ASN B 174 -32.46 -16.92 26.51
CA ASN B 174 -32.09 -17.21 27.90
C ASN B 174 -30.66 -17.72 28.01
N GLN B 175 -29.76 -17.00 27.36
CA GLN B 175 -28.36 -17.39 27.35
C GLN B 175 -27.48 -16.16 27.56
N PRO B 176 -26.33 -16.34 28.22
CA PRO B 176 -25.44 -15.19 28.46
C PRO B 176 -24.94 -14.60 27.16
N THR B 177 -25.06 -13.28 27.04
CA THR B 177 -24.76 -12.57 25.81
C THR B 177 -23.85 -11.38 26.10
N LYS B 178 -22.82 -11.23 25.29
CA LYS B 178 -21.90 -10.10 25.35
C LYS B 178 -22.02 -9.29 24.07
N PHE B 179 -21.64 -8.02 24.13
CA PHE B 179 -21.72 -7.12 22.99
C PHE B 179 -20.39 -6.40 22.80
N THR B 180 -19.80 -6.53 21.62
CA THR B 180 -18.53 -5.91 21.29
C THR B 180 -18.77 -4.72 20.37
N PRO B 181 -18.49 -3.50 20.80
CA PRO B 181 -18.74 -2.34 19.94
C PRO B 181 -17.72 -2.25 18.81
N VAL B 182 -18.20 -1.91 17.62
CA VAL B 182 -17.35 -1.71 16.45
C VAL B 182 -17.40 -0.28 15.94
N GLY B 183 -18.59 0.30 15.84
CA GLY B 183 -18.74 1.65 15.36
C GLY B 183 -20.18 2.13 15.36
N VAL B 184 -20.56 2.94 14.38
CA VAL B 184 -21.92 3.48 14.29
C VAL B 184 -22.69 2.68 13.24
N GLY B 185 -24.01 2.66 13.41
CA GLY B 185 -24.86 1.88 12.53
C GLY B 185 -26.15 2.57 12.12
N VAL B 186 -26.09 3.90 11.99
CA VAL B 186 -27.24 4.65 11.52
C VAL B 186 -27.29 4.61 9.99
N ASP B 187 -28.44 4.96 9.44
CA ASP B 187 -28.60 5.05 7.99
C ASP B 187 -28.27 6.44 7.47
N ASN B 188 -28.87 7.47 8.06
CA ASN B 188 -28.59 8.85 7.73
C ASN B 188 -27.67 9.46 8.78
N GLU B 189 -26.80 10.37 8.33
CA GLU B 189 -25.83 10.98 9.24
C GLU B 189 -26.50 11.63 10.44
N ALA B 190 -27.66 12.26 10.23
CA ALA B 190 -28.30 13.03 11.28
C ALA B 190 -28.79 12.18 12.44
N GLU B 191 -28.92 10.86 12.26
CA GLU B 191 -29.35 10.01 13.36
C GLU B 191 -28.31 9.95 14.47
N PHE B 192 -27.03 10.11 14.13
CA PHE B 192 -25.95 10.06 15.09
C PHE B 192 -25.71 11.46 15.63
N GLN B 193 -25.97 11.66 16.92
CA GLN B 193 -25.85 12.96 17.58
C GLN B 193 -25.02 12.76 18.85
N GLN B 194 -23.71 12.96 18.73
CA GLN B 194 -22.79 12.65 19.83
C GLN B 194 -22.95 13.56 21.03
N TRP B 195 -23.68 14.68 20.91
CA TRP B 195 -23.85 15.62 22.01
C TRP B 195 -25.28 15.65 22.54
N SER B 196 -26.07 14.64 22.23
CA SER B 196 -27.42 14.49 22.78
C SER B 196 -27.46 13.21 23.60
N LEU B 197 -27.58 13.36 24.91
CA LEU B 197 -27.65 12.19 25.78
C LEU B 197 -28.91 11.39 25.48
N PRO B 198 -28.83 10.06 25.48
CA PRO B 198 -30.05 9.26 25.37
C PRO B 198 -30.84 9.33 26.67
N ASN B 199 -32.02 8.74 26.63
CA ASN B 199 -32.89 8.68 27.80
C ASN B 199 -32.67 7.33 28.48
N TYR B 200 -31.81 7.33 29.51
CA TYR B 200 -31.41 6.09 30.16
C TYR B 200 -32.59 5.34 30.77
N SER B 201 -33.69 6.02 31.05
CA SER B 201 -34.88 5.40 31.59
C SER B 201 -36.04 5.40 30.61
N GLY B 202 -35.76 5.48 29.31
CA GLY B 202 -36.83 5.68 28.37
C GLY B 202 -37.49 7.02 28.59
N GLN B 203 -38.80 7.08 28.29
CA GLN B 203 -39.63 8.24 28.64
C GLN B 203 -40.43 8.01 29.91
N PHE B 204 -39.97 7.09 30.77
CA PHE B 204 -40.59 6.90 32.07
C PHE B 204 -40.16 7.95 33.07
N THR B 205 -38.93 8.46 32.94
CA THR B 205 -38.47 9.60 33.72
C THR B 205 -37.25 10.20 33.04
N HIS B 206 -36.73 11.27 33.64
CA HIS B 206 -35.59 12.01 33.13
C HIS B 206 -34.28 11.40 33.63
N ASN B 207 -33.17 11.87 33.06
CA ASN B 207 -31.86 11.38 33.45
C ASN B 207 -31.49 11.87 34.84
N MET B 208 -30.72 11.06 35.56
CA MET B 208 -30.32 11.35 36.92
C MET B 208 -28.83 11.07 37.11
N ASN B 209 -28.27 11.70 38.14
CA ASN B 209 -26.89 11.45 38.57
C ASN B 209 -25.89 11.72 37.45
N LEU B 210 -26.18 12.73 36.63
CA LEU B 210 -25.34 13.03 35.47
C LEU B 210 -24.03 13.69 35.88
N ALA B 211 -22.96 13.34 35.18
CA ALA B 211 -21.75 14.14 35.26
C ALA B 211 -22.05 15.54 34.71
N PRO B 212 -21.50 16.59 35.30
CA PRO B 212 -21.91 17.94 34.90
C PRO B 212 -21.45 18.29 33.49
N ALA B 213 -22.20 19.18 32.86
CA ALA B 213 -21.83 19.69 31.54
C ALA B 213 -20.68 20.67 31.67
N VAL B 214 -19.88 20.76 30.62
CA VAL B 214 -18.70 21.62 30.62
C VAL B 214 -18.80 22.63 29.49
N ALA B 215 -18.05 23.72 29.64
CA ALA B 215 -18.01 24.80 28.66
C ALA B 215 -16.81 25.70 28.96
N PRO B 216 -16.25 26.36 27.95
CA PRO B 216 -15.20 27.35 28.23
C PRO B 216 -15.78 28.55 28.95
N ASN B 217 -14.95 29.17 29.79
CA ASN B 217 -15.40 30.29 30.61
C ASN B 217 -14.40 31.43 30.57
N PHE B 218 -13.70 31.61 29.45
CA PHE B 218 -12.72 32.67 29.32
C PHE B 218 -12.77 33.21 27.90
N PRO B 219 -12.59 34.53 27.73
CA PRO B 219 -12.72 35.12 26.40
C PRO B 219 -11.72 34.52 25.42
N GLY B 220 -12.23 34.12 24.25
CA GLY B 220 -11.41 33.54 23.21
C GLY B 220 -11.07 32.07 23.38
N GLU B 221 -11.64 31.41 24.38
CA GLU B 221 -11.30 30.02 24.67
C GLU B 221 -12.40 29.08 24.22
N GLN B 222 -11.98 27.94 23.66
CA GLN B 222 -12.88 26.88 23.23
C GLN B 222 -12.40 25.56 23.81
N LEU B 223 -13.30 24.58 23.84
CA LEU B 223 -12.94 23.25 24.29
C LEU B 223 -11.93 22.62 23.33
N LEU B 224 -11.05 21.80 23.87
CA LEU B 224 -10.14 20.97 23.09
C LEU B 224 -10.60 19.53 23.21
N PHE B 225 -10.81 18.88 22.06
CA PHE B 225 -11.36 17.53 22.03
C PHE B 225 -10.32 16.54 21.54
N PHE B 226 -10.39 15.33 22.07
CA PHE B 226 -9.67 14.18 21.55
C PHE B 226 -10.64 13.42 20.64
N ARG B 227 -10.32 13.37 19.35
CA ARG B 227 -11.28 12.97 18.32
C ARG B 227 -10.88 11.65 17.67
N SER B 228 -11.86 10.78 17.50
CA SER B 228 -11.73 9.57 16.71
C SER B 228 -12.79 9.56 15.61
N GLN B 229 -12.53 8.77 14.57
CA GLN B 229 -13.47 8.55 13.49
C GLN B 229 -13.87 7.08 13.52
N LEU B 230 -15.08 6.80 13.98
CA LEU B 230 -15.53 5.43 14.18
C LEU B 230 -15.84 4.76 12.85
N PRO B 231 -15.71 3.43 12.77
CA PRO B 231 -16.23 2.72 11.61
C PRO B 231 -17.75 2.87 11.50
N SER B 232 -18.26 2.69 10.29
CA SER B 232 -19.68 2.84 10.02
C SER B 232 -20.14 1.67 9.17
N SER B 233 -21.27 1.07 9.55
CA SER B 233 -21.80 -0.10 8.87
C SER B 233 -22.53 0.24 7.58
N GLY B 234 -22.72 1.52 7.29
CA GLY B 234 -23.44 1.90 6.08
C GLY B 234 -23.80 3.37 6.14
N GLY B 235 -24.37 3.84 5.04
CA GLY B 235 -24.66 5.25 4.92
C GLY B 235 -23.40 6.08 4.77
N ARG B 236 -23.56 7.38 4.96
CA ARG B 236 -22.46 8.33 4.80
C ARG B 236 -22.14 9.03 6.11
N SER B 237 -22.22 8.29 7.22
CA SER B 237 -21.89 8.84 8.53
C SER B 237 -20.38 8.98 8.67
N ASN B 238 -19.93 10.15 9.13
CA ASN B 238 -18.51 10.34 9.37
C ASN B 238 -18.02 9.66 10.64
N GLY B 239 -18.93 9.20 11.50
CA GLY B 239 -18.55 8.49 12.70
C GLY B 239 -17.62 9.24 13.62
N VAL B 240 -17.71 10.56 13.64
CA VAL B 240 -16.79 11.38 14.43
C VAL B 240 -17.27 11.44 15.87
N LEU B 241 -16.39 11.05 16.80
CA LEU B 241 -16.73 11.00 18.22
C LEU B 241 -15.65 11.73 19.01
N ASP B 242 -16.05 12.75 19.77
CA ASP B 242 -15.14 13.56 20.56
C ASP B 242 -15.28 13.20 22.03
N CYS B 243 -14.15 13.05 22.70
CA CYS B 243 -14.13 12.85 24.15
C CYS B 243 -13.32 13.95 24.82
N LEU B 244 -13.62 14.19 26.09
CA LEU B 244 -13.00 15.29 26.82
C LEU B 244 -11.56 14.95 27.23
N VAL B 245 -11.34 13.75 27.75
CA VAL B 245 -9.99 13.28 28.07
C VAL B 245 -9.83 11.85 27.57
N PRO B 246 -8.61 11.45 27.24
CA PRO B 246 -8.38 10.08 26.77
C PRO B 246 -8.53 9.08 27.91
N GLN B 247 -8.86 7.84 27.53
CA GLN B 247 -9.11 6.81 28.53
C GLN B 247 -7.90 6.57 29.41
N GLU B 248 -6.70 6.70 28.85
CA GLU B 248 -5.49 6.52 29.65
C GLU B 248 -5.39 7.57 30.76
N TRP B 249 -5.93 8.76 30.53
CA TRP B 249 -5.98 9.76 31.60
C TRP B 249 -6.99 9.38 32.66
N VAL B 250 -8.14 8.83 32.24
CA VAL B 250 -9.13 8.33 33.19
C VAL B 250 -8.48 7.31 34.11
N GLN B 251 -7.71 6.38 33.54
CA GLN B 251 -7.07 5.35 34.34
C GLN B 251 -5.95 5.92 35.19
N HIS B 252 -5.19 6.88 34.65
CA HIS B 252 -4.06 7.44 35.40
C HIS B 252 -4.53 8.26 36.59
N PHE B 253 -5.52 9.12 36.38
CA PHE B 253 -6.03 9.95 37.48
C PHE B 253 -6.68 9.08 38.56
N TYR B 254 -7.40 8.03 38.16
CA TYR B 254 -7.98 7.12 39.13
C TYR B 254 -6.91 6.47 39.98
N GLN B 255 -5.78 6.11 39.38
CA GLN B 255 -4.68 5.50 40.13
C GLN B 255 -4.02 6.50 41.05
N GLU B 256 -3.72 7.70 40.53
CA GLU B 256 -2.93 8.66 41.30
C GLU B 256 -3.74 9.32 42.40
N SER B 257 -4.96 9.76 42.11
CA SER B 257 -5.81 10.45 43.08
C SER B 257 -5.06 11.64 43.71
N ALA B 258 -4.30 12.34 42.88
CA ALA B 258 -3.49 13.44 43.38
C ALA B 258 -4.38 14.63 43.74
N PRO B 259 -4.11 15.29 44.86
CA PRO B 259 -4.94 16.44 45.25
C PRO B 259 -4.87 17.56 44.22
N ALA B 260 -6.04 18.05 43.82
CA ALA B 260 -6.13 19.18 42.89
C ALA B 260 -5.91 20.47 43.66
N GLN B 261 -4.75 21.10 43.47
CA GLN B 261 -4.42 22.26 44.28
C GLN B 261 -5.24 23.49 43.89
N THR B 262 -5.64 23.60 42.62
CA THR B 262 -6.51 24.68 42.17
C THR B 262 -7.56 24.08 41.23
N GLN B 263 -8.36 24.97 40.63
CA GLN B 263 -9.39 24.55 39.69
C GLN B 263 -8.87 24.33 38.28
N VAL B 264 -7.68 24.85 37.98
CA VAL B 264 -7.15 24.83 36.61
C VAL B 264 -5.68 24.44 36.65
N ALA B 265 -5.31 23.45 35.84
CA ALA B 265 -3.91 23.08 35.67
C ALA B 265 -3.41 23.62 34.33
N LEU B 266 -2.25 24.27 34.35
CA LEU B 266 -1.63 24.76 33.13
C LEU B 266 -0.87 23.61 32.47
N VAL B 267 -1.16 23.36 31.20
CA VAL B 267 -0.64 22.23 30.46
C VAL B 267 -0.09 22.71 29.13
N ARG B 268 1.06 22.15 28.72
CA ARG B 268 1.72 22.58 27.51
C ARG B 268 2.05 21.37 26.63
N TYR B 269 1.77 21.50 25.34
CA TYR B 269 2.13 20.50 24.36
C TYR B 269 3.54 20.80 23.86
N VAL B 270 4.47 19.87 24.12
CA VAL B 270 5.88 20.10 23.83
C VAL B 270 6.34 19.10 22.79
N ASN B 271 7.27 19.56 21.94
CA ASN B 271 7.88 18.71 20.93
C ASN B 271 9.25 18.27 21.44
N PRO B 272 9.44 17.00 21.80
CA PRO B 272 10.77 16.57 22.25
C PRO B 272 11.82 16.59 21.16
N ASP B 273 11.41 16.53 19.89
CA ASP B 273 12.38 16.61 18.80
C ASP B 273 13.09 17.96 18.78
N THR B 274 12.34 19.04 18.98
CA THR B 274 12.90 20.39 18.94
C THR B 274 13.02 21.03 20.31
N GLY B 275 12.48 20.41 21.35
CA GLY B 275 12.44 21.01 22.68
C GLY B 275 11.47 22.17 22.83
N ARG B 276 10.85 22.61 21.74
CA ARG B 276 10.00 23.79 21.78
C ARG B 276 8.57 23.44 22.22
N VAL B 277 7.90 24.42 22.79
CA VAL B 277 6.48 24.33 23.14
C VAL B 277 5.68 24.79 21.94
N LEU B 278 4.61 24.07 21.64
CA LEU B 278 3.77 24.38 20.47
C LEU B 278 2.51 25.15 20.84
N PHE B 279 1.77 24.70 21.85
CA PHE B 279 0.66 25.48 22.38
C PHE B 279 0.51 25.16 23.86
N GLU B 280 -0.26 25.98 24.55
CA GLU B 280 -0.61 25.75 25.94
C GLU B 280 -2.13 25.66 26.08
N ALA B 281 -2.56 25.07 27.18
CA ALA B 281 -3.98 24.85 27.40
C ALA B 281 -4.26 24.83 28.90
N LYS B 282 -5.54 25.00 29.23
CA LYS B 282 -6.04 24.83 30.58
C LYS B 282 -6.65 23.45 30.72
N LEU B 283 -6.26 22.72 31.77
CA LEU B 283 -6.87 21.44 32.10
C LEU B 283 -7.65 21.64 33.39
N HIS B 284 -8.98 21.62 33.29
CA HIS B 284 -9.86 22.00 34.38
C HIS B 284 -10.11 20.82 35.31
N LYS B 285 -10.48 21.15 36.56
CA LYS B 285 -10.61 20.12 37.60
C LYS B 285 -11.62 19.05 37.22
N LEU B 286 -12.72 19.45 36.58
CA LEU B 286 -13.77 18.50 36.21
C LEU B 286 -13.41 17.65 35.00
N GLY B 287 -12.20 17.77 34.47
CA GLY B 287 -11.71 16.86 33.45
C GLY B 287 -12.01 17.26 32.02
N PHE B 288 -11.57 18.44 31.63
CA PHE B 288 -11.69 18.88 30.24
C PHE B 288 -10.69 20.01 30.01
N MET B 289 -10.39 20.25 28.73
CA MET B 289 -9.36 21.20 28.33
C MET B 289 -9.97 22.34 27.52
N THR B 290 -9.38 23.51 27.65
CA THR B 290 -9.72 24.66 26.82
C THR B 290 -8.44 25.29 26.28
N ILE B 291 -8.53 25.84 25.06
CA ILE B 291 -7.42 26.49 24.40
C ILE B 291 -7.89 27.86 23.91
N ALA B 292 -6.93 28.73 23.62
CA ALA B 292 -7.22 30.05 23.06
C ALA B 292 -7.28 29.91 21.55
N LYS B 293 -8.47 29.58 21.05
CA LYS B 293 -8.67 29.36 19.62
C LYS B 293 -10.11 29.70 19.26
N ASN B 294 -10.32 30.05 18.00
CA ASN B 294 -11.64 30.43 17.49
C ASN B 294 -11.92 29.67 16.20
N GLY B 295 -13.10 29.06 16.13
CA GLY B 295 -13.54 28.36 14.94
C GLY B 295 -13.36 26.85 15.07
N ASP B 296 -14.15 26.12 14.28
CA ASP B 296 -14.03 24.67 14.21
C ASP B 296 -12.82 24.32 13.36
N SER B 297 -11.83 23.67 13.97
CA SER B 297 -10.59 23.40 13.28
C SER B 297 -9.84 22.29 13.97
N PRO B 298 -9.18 21.39 13.23
CA PRO B 298 -8.27 20.44 13.87
C PRO B 298 -7.02 21.15 14.37
N ILE B 299 -6.37 20.51 15.34
CA ILE B 299 -5.10 21.00 15.89
C ILE B 299 -4.04 19.99 15.48
N THR B 300 -3.23 20.37 14.50
CA THR B 300 -2.19 19.50 13.98
C THR B 300 -1.00 19.48 14.94
N VAL B 301 -0.58 18.27 15.32
CA VAL B 301 0.52 18.10 16.27
C VAL B 301 1.57 17.18 15.65
N PRO B 302 2.84 17.32 16.02
CA PRO B 302 3.87 16.44 15.50
C PRO B 302 3.79 15.07 16.14
N PRO B 303 4.31 14.04 15.47
CA PRO B 303 4.09 12.67 15.95
C PRO B 303 4.73 12.36 17.29
N ASN B 304 5.75 13.08 17.73
CA ASN B 304 6.42 12.76 18.98
C ASN B 304 6.03 13.68 20.13
N GLY B 305 5.23 14.71 19.87
CA GLY B 305 4.81 15.62 20.92
C GLY B 305 3.90 14.96 21.94
N TYR B 306 3.72 15.66 23.06
CA TYR B 306 2.91 15.15 24.16
C TYR B 306 2.53 16.29 25.08
N PHE B 307 1.48 16.05 25.86
CA PHE B 307 1.02 17.02 26.86
C PHE B 307 1.87 16.92 28.12
N ARG B 308 2.29 18.06 28.64
CA ARG B 308 3.10 18.13 29.84
C ARG B 308 2.44 19.06 30.86
N PHE B 309 2.38 18.62 32.11
CA PHE B 309 1.88 19.47 33.17
C PHE B 309 2.92 20.54 33.50
N GLU B 310 2.48 21.77 33.70
CA GLU B 310 3.38 22.84 34.17
C GLU B 310 3.18 23.35 35.61
N SER B 311 1.94 23.68 35.99
CA SER B 311 1.65 24.07 37.33
C SER B 311 0.20 24.17 37.57
N TRP B 312 -0.15 24.29 38.81
CA TRP B 312 -1.52 24.72 39.10
C TRP B 312 -1.65 26.23 38.92
N VAL B 313 -2.86 26.65 38.57
CA VAL B 313 -3.11 27.97 38.02
C VAL B 313 -4.57 28.32 38.33
N ASN B 314 -4.92 29.59 38.25
CA ASN B 314 -6.27 30.06 38.50
C ASN B 314 -7.04 30.23 37.20
N PRO B 315 -8.38 30.33 37.26
CA PRO B 315 -9.17 30.42 36.02
C PRO B 315 -8.98 31.71 35.24
N PHE B 316 -8.28 32.70 35.78
CA PHE B 316 -8.10 33.97 35.09
C PHE B 316 -6.81 34.01 34.27
N TYR B 317 -6.14 32.87 34.10
CA TYR B 317 -4.95 32.81 33.27
C TYR B 317 -5.31 33.06 31.81
N THR B 318 -4.46 33.81 31.12
CA THR B 318 -4.62 34.09 29.71
C THR B 318 -3.65 33.21 28.93
N LEU B 319 -4.19 32.34 28.08
CA LEU B 319 -3.38 31.44 27.28
C LEU B 319 -2.90 32.13 26.01
N ALA B 320 -1.69 31.77 25.59
CA ALA B 320 -1.18 32.28 24.31
C ALA B 320 -2.07 31.77 23.18
N PRO B 321 -2.49 32.64 22.26
CA PRO B 321 -3.38 32.20 21.19
C PRO B 321 -2.71 31.19 20.27
N MET B 322 -3.54 30.47 19.52
CA MET B 322 -3.06 29.47 18.59
C MET B 322 -3.30 29.92 17.14
N LYS C 7 -0.90 -26.33 -43.32
CA LYS C 7 -1.93 -25.77 -42.46
C LYS C 7 -1.43 -25.59 -41.03
N THR C 8 -0.22 -26.09 -40.75
CA THR C 8 0.43 -25.83 -39.48
C THR C 8 0.95 -24.39 -39.50
N LYS C 9 0.59 -23.62 -38.48
CA LYS C 9 0.79 -22.18 -38.52
C LYS C 9 2.28 -21.84 -38.60
N PRO C 10 2.73 -21.16 -39.65
CA PRO C 10 4.18 -20.99 -39.85
C PRO C 10 4.81 -20.05 -38.85
N PHE C 11 6.05 -20.36 -38.48
CA PHE C 11 6.85 -19.49 -37.64
C PHE C 11 7.39 -18.32 -38.46
N THR C 12 7.42 -17.13 -37.86
CA THR C 12 7.89 -15.94 -38.55
C THR C 12 8.67 -15.05 -37.58
N LEU C 13 9.57 -14.25 -38.15
CA LEU C 13 10.20 -13.14 -37.48
C LEU C 13 9.65 -11.83 -38.04
N PRO C 14 9.44 -10.82 -37.22
CA PRO C 14 9.09 -9.50 -37.77
C PRO C 14 10.25 -8.97 -38.60
N ILE C 15 9.91 -8.19 -39.62
CA ILE C 15 10.91 -7.61 -40.51
C ILE C 15 11.36 -6.30 -39.89
N LEU C 16 12.49 -6.35 -39.18
CA LEU C 16 13.02 -5.20 -38.48
C LEU C 16 14.51 -5.07 -38.77
N THR C 17 14.95 -3.85 -39.05
CA THR C 17 16.37 -3.60 -39.24
C THR C 17 17.05 -3.44 -37.89
N ILE C 18 18.37 -3.22 -37.90
CA ILE C 18 19.11 -3.10 -36.65
C ILE C 18 18.66 -1.88 -35.86
N SER C 19 18.28 -0.80 -36.55
CA SER C 19 17.84 0.43 -35.91
C SER C 19 16.35 0.42 -35.57
N GLU C 20 15.69 -0.73 -35.67
CA GLU C 20 14.27 -0.84 -35.38
C GLU C 20 13.98 -1.84 -34.26
N MET C 21 14.99 -2.19 -33.47
CA MET C 21 14.84 -3.17 -32.41
C MET C 21 15.09 -2.54 -31.05
N SER C 22 14.44 -3.08 -30.03
CA SER C 22 14.54 -2.58 -28.67
C SER C 22 15.15 -3.65 -27.77
N ASN C 23 15.95 -3.22 -26.81
CA ASN C 23 16.47 -4.13 -25.81
C ASN C 23 15.34 -4.69 -24.97
N SER C 24 15.40 -5.99 -24.67
CA SER C 24 14.38 -6.64 -23.87
C SER C 24 14.75 -6.72 -22.40
N ARG C 25 15.93 -6.24 -22.01
CA ARG C 25 16.33 -6.16 -20.61
C ARG C 25 16.42 -4.72 -20.13
N PHE C 26 16.15 -3.74 -20.99
CA PHE C 26 16.12 -2.33 -20.63
C PHE C 26 15.37 -1.59 -21.73
N PRO C 27 14.63 -0.53 -21.39
CA PRO C 27 13.84 0.22 -22.41
C PRO C 27 14.69 1.16 -23.25
N VAL C 28 15.55 0.59 -24.09
CA VAL C 28 16.42 1.36 -24.97
C VAL C 28 16.51 0.65 -26.32
N PRO C 29 16.89 1.37 -27.37
CA PRO C 29 17.07 0.72 -28.67
C PRO C 29 18.31 -0.17 -28.70
N ILE C 30 18.26 -1.19 -29.56
CA ILE C 30 19.43 -2.03 -29.79
C ILE C 30 20.48 -1.21 -30.54
N ASP C 31 21.73 -1.30 -30.09
CA ASP C 31 22.81 -0.55 -30.71
C ASP C 31 23.64 -1.36 -31.68
N SER C 32 23.84 -2.65 -31.43
CA SER C 32 24.71 -3.46 -32.26
C SER C 32 24.46 -4.94 -32.00
N LEU C 33 25.09 -5.77 -32.82
CA LEU C 33 25.14 -7.21 -32.59
C LEU C 33 26.53 -7.57 -32.07
N HIS C 34 26.58 -8.54 -31.16
CA HIS C 34 27.83 -8.88 -30.50
C HIS C 34 27.84 -10.35 -30.14
N THR C 35 28.96 -11.00 -30.40
CA THR C 35 29.22 -12.37 -29.95
C THR C 35 30.36 -12.36 -28.93
N SER C 36 30.37 -13.37 -28.06
CA SER C 36 31.36 -13.39 -26.99
C SER C 36 31.45 -14.80 -26.42
N PRO C 37 32.64 -15.25 -26.04
CA PRO C 37 32.74 -16.51 -25.29
C PRO C 37 32.08 -16.37 -23.91
N THR C 38 31.30 -17.37 -23.54
CA THR C 38 30.58 -17.38 -22.27
C THR C 38 30.74 -18.70 -21.52
N GLU C 39 31.78 -19.47 -21.83
CA GLU C 39 31.96 -20.77 -21.19
C GLU C 39 32.22 -20.63 -19.69
N ASN C 40 32.86 -19.54 -19.28
CA ASN C 40 33.21 -19.33 -17.87
C ASN C 40 32.13 -18.57 -17.11
N ILE C 41 31.03 -18.20 -17.75
CA ILE C 41 29.96 -17.45 -17.11
C ILE C 41 28.64 -18.18 -17.31
N VAL C 42 27.69 -17.91 -16.42
CA VAL C 42 26.34 -18.45 -16.51
C VAL C 42 25.46 -17.38 -17.13
N VAL C 43 24.84 -17.69 -18.26
CA VAL C 43 23.91 -16.79 -18.89
C VAL C 43 22.51 -17.17 -18.57
N GLN C 44 21.95 -16.45 -17.60
CA GLN C 44 20.58 -16.64 -17.16
C GLN C 44 19.87 -15.32 -16.79
N CYS C 45 19.61 -14.49 -17.80
CA CYS C 45 18.81 -13.31 -17.59
C CYS C 45 17.35 -13.64 -17.46
N GLN C 46 16.63 -12.81 -16.76
CA GLN C 46 15.25 -13.04 -16.50
C GLN C 46 14.27 -12.23 -17.28
N ASN C 47 14.73 -11.18 -17.92
CA ASN C 47 13.94 -10.35 -18.82
C ASN C 47 14.32 -10.66 -20.27
N GLY C 48 13.35 -10.52 -21.16
CA GLY C 48 13.57 -10.91 -22.55
C GLY C 48 13.72 -12.40 -22.71
N ARG C 49 12.94 -13.19 -21.97
CA ARG C 49 12.99 -14.64 -22.02
C ARG C 49 11.64 -15.13 -22.54
N VAL C 50 11.63 -15.62 -23.78
CA VAL C 50 10.42 -16.10 -24.43
C VAL C 50 10.80 -17.31 -25.28
N THR C 51 9.91 -18.30 -25.31
CA THR C 51 10.11 -19.42 -26.21
C THR C 51 9.64 -19.04 -27.61
N LEU C 52 10.07 -19.82 -28.60
CA LEU C 52 9.68 -19.53 -29.98
C LEU C 52 8.20 -19.76 -30.21
N ASP C 53 7.54 -20.56 -29.37
CA ASP C 53 6.10 -20.76 -29.48
C ASP C 53 5.31 -19.87 -28.51
N GLY C 54 5.92 -18.80 -28.02
CA GLY C 54 5.17 -17.73 -27.38
C GLY C 54 4.99 -17.80 -25.88
N GLU C 55 5.80 -18.58 -25.18
CA GLU C 55 5.71 -18.68 -23.72
C GLU C 55 6.74 -17.73 -23.10
N LEU C 56 6.25 -16.79 -22.29
CA LEU C 56 7.14 -15.90 -21.56
C LEU C 56 7.68 -16.61 -20.33
N MET C 57 8.94 -16.33 -19.99
CA MET C 57 9.60 -16.97 -18.87
C MET C 57 10.27 -15.92 -17.98
N GLY C 58 10.59 -16.36 -16.76
CA GLY C 58 11.28 -15.47 -15.83
C GLY C 58 10.39 -14.34 -15.38
N THR C 59 10.89 -13.11 -15.51
CA THR C 59 10.15 -11.91 -15.17
C THR C 59 9.74 -11.12 -16.40
N THR C 60 9.69 -11.77 -17.56
CA THR C 60 9.45 -11.09 -18.82
C THR C 60 7.98 -10.70 -18.96
N GLN C 61 7.74 -9.47 -19.40
CA GLN C 61 6.40 -8.98 -19.69
C GLN C 61 6.44 -8.22 -21.02
N LEU C 62 5.28 -7.74 -21.46
CA LEU C 62 5.16 -7.25 -22.83
C LEU C 62 5.54 -5.78 -23.00
N LEU C 63 5.31 -4.95 -21.99
CA LEU C 63 5.49 -3.51 -22.15
C LEU C 63 6.96 -3.14 -22.22
N PRO C 64 7.42 -2.48 -23.28
CA PRO C 64 8.84 -2.13 -23.37
C PRO C 64 9.28 -1.13 -22.31
N SER C 65 8.42 -0.21 -21.90
CA SER C 65 8.83 0.83 -20.97
C SER C 65 8.91 0.34 -19.54
N GLN C 66 8.32 -0.80 -19.22
CA GLN C 66 8.23 -1.27 -17.84
C GLN C 66 9.39 -2.18 -17.44
N ILE C 67 10.35 -2.40 -18.33
CA ILE C 67 11.53 -3.19 -17.97
C ILE C 67 12.42 -2.34 -17.08
N CYS C 68 12.66 -2.81 -15.85
CA CYS C 68 13.41 -2.10 -14.82
C CYS C 68 12.68 -0.86 -14.31
N ALA C 69 11.38 -0.74 -14.58
CA ALA C 69 10.53 0.27 -13.97
C ALA C 69 9.74 -0.34 -12.82
N PHE C 70 9.16 0.51 -11.98
CA PHE C 70 8.32 -0.02 -10.92
C PHE C 70 7.31 1.03 -10.48
N ARG C 71 6.29 0.55 -9.76
CA ARG C 71 5.25 1.36 -9.17
C ARG C 71 5.04 0.94 -7.73
N GLY C 72 4.54 1.84 -6.90
CA GLY C 72 4.22 1.46 -5.53
C GLY C 72 4.07 2.68 -4.64
N THR C 73 4.19 2.42 -3.34
CA THR C 73 4.02 3.43 -2.29
C THR C 73 5.36 3.72 -1.64
N LEU C 74 5.71 5.00 -1.58
CA LEU C 74 6.98 5.43 -1.01
C LEU C 74 6.82 5.79 0.46
N THR C 75 7.82 5.44 1.25
CA THR C 75 7.89 5.80 2.65
C THR C 75 9.31 6.07 3.05
N ARG C 76 9.57 6.69 4.18
CA ARG C 76 10.92 6.88 4.61
C ARG C 76 11.37 5.60 5.18
N SER C 77 12.64 5.27 4.96
CA SER C 77 13.24 4.02 5.38
C SER C 77 13.47 3.95 6.87
N THR C 78 13.29 2.78 7.50
CA THR C 78 13.42 2.65 8.94
C THR C 78 14.77 3.01 9.45
N SER C 79 15.82 2.59 8.82
CA SER C 79 17.11 3.05 9.23
C SER C 79 18.01 3.35 8.02
N LEU C 92 25.71 13.49 -4.56
CA LEU C 92 25.87 12.37 -3.65
C LEU C 92 24.46 11.96 -3.18
N PHE C 93 24.07 10.72 -3.49
CA PHE C 93 22.68 10.29 -3.27
C PHE C 93 22.53 9.78 -1.84
N ASN C 94 21.97 10.64 -0.95
CA ASN C 94 21.96 10.40 0.49
C ASN C 94 20.66 9.88 1.07
N TYR C 95 19.52 10.25 0.49
CA TYR C 95 18.24 10.00 1.12
C TYR C 95 17.76 8.62 0.71
N TYR C 96 17.37 7.83 1.70
CA TYR C 96 16.93 6.46 1.49
C TYR C 96 15.42 6.39 1.64
N TRP C 97 14.77 5.72 0.70
CA TRP C 97 13.32 5.58 0.69
C TRP C 97 12.95 4.14 0.47
N HIS C 98 11.91 3.70 1.18
CA HIS C 98 11.39 2.34 1.05
C HIS C 98 10.21 2.34 0.08
N ILE C 99 10.18 1.34 -0.79
CA ILE C 99 9.13 1.21 -1.81
C ILE C 99 8.39 -0.10 -1.57
N GLN C 100 7.12 0.00 -1.19
CA GLN C 100 6.22 -1.16 -1.22
C GLN C 100 5.73 -1.32 -2.65
N LEU C 101 6.05 -2.46 -3.27
CA LEU C 101 5.92 -2.61 -4.72
C LEU C 101 4.53 -3.06 -5.11
N ASP C 102 3.97 -2.41 -6.12
CA ASP C 102 2.70 -2.76 -6.73
C ASP C 102 2.95 -3.37 -8.09
N ASN C 103 2.12 -4.35 -8.46
CA ASN C 103 2.06 -4.73 -9.86
C ASN C 103 1.48 -3.57 -10.68
N LEU C 104 1.57 -3.67 -12.01
CA LEU C 104 1.29 -2.52 -12.85
C LEU C 104 -0.16 -2.07 -12.74
N ASN C 105 -1.08 -3.02 -12.64
CA ASN C 105 -2.50 -2.69 -12.59
C ASN C 105 -2.86 -1.87 -11.38
N GLY C 106 -1.90 -1.68 -10.46
CA GLY C 106 -2.16 -1.04 -9.21
C GLY C 106 -2.40 -1.98 -8.02
N THR C 107 -2.58 -3.30 -8.23
CA THR C 107 -2.61 -4.25 -7.11
C THR C 107 -1.26 -4.26 -6.42
N PRO C 108 -1.22 -4.65 -5.16
CA PRO C 108 0.06 -4.99 -4.54
C PRO C 108 0.58 -6.31 -5.08
N TYR C 109 1.91 -6.40 -5.18
CA TYR C 109 2.53 -7.62 -5.67
C TYR C 109 2.39 -8.74 -4.63
N ASP C 110 1.82 -9.86 -5.05
CA ASP C 110 1.64 -10.99 -4.16
C ASP C 110 2.80 -11.96 -4.33
N PRO C 111 3.67 -12.12 -3.33
CA PRO C 111 4.85 -12.99 -3.49
C PRO C 111 4.50 -14.46 -3.74
N ALA C 112 3.25 -14.86 -3.58
CA ALA C 112 2.88 -16.26 -3.77
C ALA C 112 2.87 -16.68 -5.23
N GLU C 113 2.94 -15.74 -6.16
CA GLU C 113 2.92 -16.01 -7.59
C GLU C 113 4.18 -16.68 -8.04
N ASP C 114 4.11 -17.62 -8.95
CA ASP C 114 5.28 -18.39 -9.32
C ASP C 114 6.17 -17.70 -10.34
N ILE C 115 6.73 -16.57 -9.97
CA ILE C 115 7.66 -15.87 -10.81
C ILE C 115 8.79 -15.50 -9.94
N PRO C 116 9.97 -15.26 -10.45
CA PRO C 116 11.12 -14.90 -9.60
C PRO C 116 10.94 -13.60 -8.83
N ALA C 117 10.23 -12.64 -9.41
CA ALA C 117 10.06 -11.31 -8.85
C ALA C 117 8.93 -10.64 -9.61
N PRO C 118 8.49 -9.43 -9.23
CA PRO C 118 7.55 -8.70 -10.08
C PRO C 118 8.08 -8.60 -11.50
N LEU C 119 7.17 -8.72 -12.47
CA LEU C 119 7.57 -8.67 -13.87
C LEU C 119 8.29 -7.35 -14.17
N GLY C 120 9.36 -7.43 -14.94
CA GLY C 120 10.16 -6.26 -15.24
C GLY C 120 11.19 -5.90 -14.20
N THR C 121 11.29 -6.67 -13.12
CA THR C 121 12.33 -6.42 -12.12
C THR C 121 13.71 -6.59 -12.76
N PRO C 122 14.66 -5.70 -12.47
CA PRO C 122 16.00 -5.84 -13.06
C PRO C 122 16.60 -7.21 -12.80
N ASP C 123 17.41 -7.67 -13.77
CA ASP C 123 18.01 -9.00 -13.72
C ASP C 123 19.53 -8.95 -13.78
N PHE C 124 20.13 -7.91 -13.20
CA PHE C 124 21.57 -7.77 -13.16
C PHE C 124 21.98 -7.13 -11.84
N ARG C 125 23.26 -7.31 -11.49
CA ARG C 125 23.83 -6.68 -10.30
C ARG C 125 24.32 -5.28 -10.66
N GLY C 126 23.92 -4.30 -9.86
CA GLY C 126 24.36 -2.94 -10.06
C GLY C 126 23.32 -1.96 -9.54
N LYS C 127 23.44 -0.72 -10.00
CA LYS C 127 22.53 0.35 -9.64
C LYS C 127 21.83 0.83 -10.90
N VAL C 128 20.50 0.83 -10.87
CA VAL C 128 19.70 1.38 -11.97
C VAL C 128 19.47 2.85 -11.68
N PHE C 129 19.86 3.71 -12.62
CA PHE C 129 19.70 5.15 -12.49
C PHE C 129 18.45 5.59 -13.27
N GLY C 130 17.59 6.34 -12.61
CA GLY C 130 16.37 6.80 -13.23
C GLY C 130 15.77 7.99 -12.50
N VAL C 131 14.46 8.16 -12.68
CA VAL C 131 13.72 9.28 -12.09
C VAL C 131 12.52 8.72 -11.35
N ALA C 132 12.39 9.07 -10.07
CA ALA C 132 11.22 8.73 -9.27
C ALA C 132 10.27 9.92 -9.28
N SER C 133 8.98 9.63 -9.44
CA SER C 133 7.98 10.68 -9.58
C SER C 133 6.75 10.35 -8.73
N GLN C 134 6.06 11.40 -8.29
CA GLN C 134 4.88 11.25 -7.45
C GLN C 134 3.79 12.19 -7.93
N ARG C 135 2.54 11.72 -7.78
CA ARG C 135 1.36 12.56 -7.96
C ARG C 135 0.44 12.31 -6.78
N ASN C 136 0.14 13.36 -6.04
CA ASN C 136 -0.66 13.26 -4.83
C ASN C 136 -2.14 13.39 -5.14
N PRO C 137 -3.02 12.90 -4.25
CA PRO C 137 -4.46 13.01 -4.52
C PRO C 137 -4.96 14.44 -4.69
N ASP C 138 -4.26 15.44 -4.13
CA ASP C 138 -4.60 16.83 -4.37
C ASP C 138 -3.93 17.39 -5.62
N SER C 139 -3.38 16.52 -6.47
CA SER C 139 -2.79 16.79 -7.79
C SER C 139 -1.41 17.44 -7.73
N THR C 140 -0.80 17.60 -6.56
CA THR C 140 0.56 18.09 -6.50
C THR C 140 1.54 16.99 -6.91
N THR C 141 2.58 17.37 -7.64
CA THR C 141 3.51 16.42 -8.23
C THR C 141 4.95 16.81 -7.93
N ARG C 142 5.85 15.86 -8.11
CA ARG C 142 7.28 16.07 -7.94
C ARG C 142 8.01 14.90 -8.58
N ALA C 143 9.23 15.17 -9.07
CA ALA C 143 10.04 14.14 -9.70
C ALA C 143 11.51 14.49 -9.56
N HIS C 144 12.31 13.50 -9.14
CA HIS C 144 13.74 13.70 -8.96
C HIS C 144 14.47 12.40 -9.29
N GLU C 145 15.77 12.54 -9.57
CA GLU C 145 16.58 11.38 -9.90
C GLU C 145 16.63 10.41 -8.73
N ALA C 146 16.78 9.13 -9.04
CA ALA C 146 16.81 8.07 -8.03
C ALA C 146 17.61 6.90 -8.57
N LYS C 147 18.12 6.07 -7.65
CA LYS C 147 18.85 4.87 -8.04
C LYS C 147 18.31 3.67 -7.26
N VAL C 148 18.28 2.53 -7.95
CA VAL C 148 17.88 1.26 -7.36
C VAL C 148 19.11 0.37 -7.31
N ASP C 149 19.59 0.07 -6.11
CA ASP C 149 20.72 -0.83 -5.93
C ASP C 149 20.19 -2.25 -5.84
N THR C 150 20.43 -3.04 -6.90
CA THR C 150 19.96 -4.42 -6.94
C THR C 150 20.80 -5.37 -6.11
N THR C 151 21.93 -4.90 -5.57
CA THR C 151 22.74 -5.70 -4.67
C THR C 151 22.50 -5.37 -3.20
N SER C 152 21.71 -4.35 -2.91
CA SER C 152 21.42 -3.99 -1.53
C SER C 152 20.69 -5.12 -0.82
N GLY C 153 20.93 -5.23 0.49
CA GLY C 153 20.19 -6.16 1.30
C GLY C 153 18.73 -5.85 1.44
N ARG C 154 18.32 -4.63 1.10
CA ARG C 154 16.91 -4.24 1.10
C ARG C 154 16.30 -4.30 -0.29
N PHE C 155 17.03 -4.84 -1.27
CA PHE C 155 16.47 -5.16 -2.58
C PHE C 155 15.81 -6.53 -2.45
N THR C 156 14.56 -6.54 -2.04
CA THR C 156 13.81 -7.78 -1.95
C THR C 156 12.47 -7.59 -2.63
N PRO C 157 12.50 -7.48 -3.95
CA PRO C 157 11.24 -7.32 -4.70
C PRO C 157 10.35 -8.55 -4.63
N LYS C 158 10.95 -9.75 -4.56
CA LYS C 158 10.16 -10.96 -4.40
C LYS C 158 9.33 -10.93 -3.12
N LEU C 159 9.84 -10.31 -2.06
CA LEU C 159 9.09 -10.12 -0.83
C LEU C 159 8.19 -8.89 -0.87
N GLY C 160 8.29 -8.07 -1.92
CA GLY C 160 7.40 -6.95 -2.10
C GLY C 160 7.97 -5.58 -1.81
N SER C 161 9.29 -5.46 -1.61
CA SER C 161 9.88 -4.18 -1.23
C SER C 161 11.17 -3.95 -1.99
N LEU C 162 11.58 -2.69 -2.07
CA LEU C 162 12.93 -2.34 -2.48
C LEU C 162 13.25 -0.95 -1.95
N GLU C 163 14.51 -0.56 -2.11
CA GLU C 163 15.02 0.70 -1.57
C GLU C 163 15.59 1.55 -2.69
N ILE C 164 15.20 2.81 -2.74
CA ILE C 164 15.75 3.76 -3.69
C ILE C 164 16.62 4.77 -2.95
N THR C 165 17.57 5.34 -3.67
CA THR C 165 18.44 6.38 -3.18
C THR C 165 18.20 7.64 -4.00
N THR C 166 18.20 8.80 -3.34
CA THR C 166 17.99 10.07 -4.03
C THR C 166 18.93 11.12 -3.48
N GLU C 167 19.20 12.13 -4.33
CA GLU C 167 19.91 13.32 -3.90
C GLU C 167 18.95 14.35 -3.31
N SER C 168 17.75 14.47 -3.86
CA SER C 168 16.75 15.39 -3.34
C SER C 168 16.03 14.79 -2.14
N ASP C 169 15.52 15.67 -1.28
CA ASP C 169 14.71 15.28 -0.14
C ASP C 169 13.23 15.52 -0.37
N ASP C 170 12.86 16.04 -1.55
CA ASP C 170 11.48 16.42 -1.85
C ASP C 170 10.69 15.18 -2.26
N PHE C 171 10.24 14.43 -1.26
CA PHE C 171 9.40 13.27 -1.49
C PHE C 171 8.42 13.14 -0.34
N ASP C 172 7.12 13.17 -0.67
CA ASP C 172 6.10 12.99 0.35
C ASP C 172 5.91 11.50 0.63
N PRO C 173 5.91 11.08 1.89
CA PRO C 173 5.69 9.66 2.20
C PRO C 173 4.22 9.27 2.03
N ASN C 174 4.01 7.96 1.93
CA ASN C 174 2.68 7.38 1.75
C ASN C 174 2.00 7.89 0.48
N GLN C 175 2.78 8.20 -0.55
CA GLN C 175 2.22 8.66 -1.79
C GLN C 175 2.57 7.72 -2.93
N PRO C 176 1.71 7.58 -3.93
CA PRO C 176 2.01 6.71 -5.06
C PRO C 176 3.22 7.22 -5.84
N THR C 177 4.14 6.30 -6.16
CA THR C 177 5.40 6.68 -6.76
C THR C 177 5.72 5.74 -7.92
N LYS C 178 6.16 6.32 -9.04
CA LYS C 178 6.64 5.58 -10.20
C LYS C 178 8.14 5.79 -10.35
N PHE C 179 8.81 4.82 -10.98
CA PHE C 179 10.23 4.93 -11.28
C PHE C 179 10.45 4.69 -12.76
N THR C 180 11.03 5.65 -13.45
CA THR C 180 11.37 5.50 -14.83
C THR C 180 12.83 5.26 -14.92
N PRO C 181 13.25 4.19 -15.55
CA PRO C 181 14.65 3.87 -15.71
C PRO C 181 15.32 4.56 -16.89
N VAL C 182 16.50 5.11 -16.65
CA VAL C 182 17.23 5.80 -17.72
C VAL C 182 18.59 5.19 -18.07
N GLY C 183 19.24 4.58 -17.08
CA GLY C 183 20.54 3.98 -17.31
C GLY C 183 21.27 3.55 -16.06
N VAL C 184 22.52 3.15 -16.24
CA VAL C 184 23.37 2.71 -15.12
C VAL C 184 23.77 3.85 -14.17
N GLY C 185 23.90 3.51 -12.90
CA GLY C 185 24.28 4.43 -11.89
C GLY C 185 25.38 4.05 -10.95
N VAL C 186 26.20 3.10 -11.31
CA VAL C 186 27.32 2.65 -10.51
C VAL C 186 28.46 3.60 -10.52
N ASP C 187 29.26 3.66 -9.48
CA ASP C 187 30.53 4.36 -9.51
C ASP C 187 31.65 3.74 -10.27
N ASN C 188 31.84 2.46 -10.02
CA ASN C 188 32.97 1.75 -10.54
C ASN C 188 32.48 0.68 -11.46
N GLU C 189 33.01 0.66 -12.65
CA GLU C 189 32.41 -0.17 -13.69
C GLU C 189 32.18 -1.60 -13.23
N ALA C 190 33.06 -2.14 -12.39
CA ALA C 190 32.95 -3.52 -11.95
C ALA C 190 31.73 -3.78 -11.07
N GLU C 191 31.03 -2.73 -10.61
CA GLU C 191 29.81 -2.93 -9.85
C GLU C 191 28.64 -3.35 -10.73
N PHE C 192 28.73 -3.10 -12.04
CA PHE C 192 27.71 -3.52 -12.99
C PHE C 192 28.10 -4.88 -13.54
N GLN C 193 27.36 -5.92 -13.14
CA GLN C 193 27.58 -7.29 -13.59
C GLN C 193 26.30 -7.77 -14.28
N GLN C 194 26.24 -7.58 -15.60
CA GLN C 194 25.01 -7.85 -16.34
C GLN C 194 24.66 -9.33 -16.38
N TRP C 195 25.61 -10.23 -16.10
CA TRP C 195 25.35 -11.66 -16.12
C TRP C 195 25.26 -12.25 -14.72
N SER C 196 25.12 -11.42 -13.71
CA SER C 196 24.99 -11.85 -12.32
C SER C 196 23.61 -11.47 -11.83
N LEU C 197 22.81 -12.47 -11.47
CA LEU C 197 21.46 -12.20 -11.00
C LEU C 197 21.49 -11.58 -9.62
N PRO C 198 20.55 -10.69 -9.31
CA PRO C 198 20.37 -10.22 -7.93
C PRO C 198 19.64 -11.28 -7.11
N ASN C 199 19.66 -11.07 -5.81
CA ASN C 199 18.91 -11.92 -4.89
C ASN C 199 17.53 -11.31 -4.69
N TYR C 200 16.53 -11.89 -5.38
CA TYR C 200 15.20 -11.28 -5.41
C TYR C 200 14.55 -11.26 -4.03
N SER C 201 14.97 -12.11 -3.11
CA SER C 201 14.47 -12.09 -1.74
C SER C 201 15.54 -11.63 -0.75
N GLY C 202 16.51 -10.84 -1.22
CA GLY C 202 17.61 -10.50 -0.36
C GLY C 202 18.36 -11.76 0.03
N GLN C 203 18.70 -11.87 1.31
CA GLN C 203 19.39 -13.03 1.83
C GLN C 203 18.47 -13.95 2.63
N PHE C 204 17.16 -13.75 2.56
CA PHE C 204 16.23 -14.53 3.36
C PHE C 204 15.89 -15.87 2.73
N THR C 205 15.88 -15.95 1.40
CA THR C 205 15.70 -17.22 0.72
C THR C 205 16.26 -17.11 -0.69
N HIS C 206 16.35 -18.25 -1.36
CA HIS C 206 16.99 -18.34 -2.67
C HIS C 206 16.01 -17.92 -3.78
N ASN C 207 16.58 -17.69 -4.96
CA ASN C 207 15.77 -17.34 -6.12
C ASN C 207 14.96 -18.54 -6.60
N MET C 208 13.76 -18.27 -7.11
CA MET C 208 12.82 -19.30 -7.48
C MET C 208 12.23 -19.01 -8.86
N ASN C 209 11.80 -20.08 -9.54
CA ASN C 209 11.06 -19.99 -10.80
C ASN C 209 11.87 -19.30 -11.90
N LEU C 210 13.18 -19.46 -11.88
CA LEU C 210 14.04 -18.79 -12.86
C LEU C 210 13.85 -19.40 -14.25
N ALA C 211 13.98 -18.56 -15.25
CA ALA C 211 14.12 -19.06 -16.61
C ALA C 211 15.46 -19.78 -16.74
N PRO C 212 15.53 -20.87 -17.50
CA PRO C 212 16.77 -21.65 -17.54
C PRO C 212 17.91 -20.87 -18.17
N ALA C 213 19.13 -21.26 -17.79
CA ALA C 213 20.32 -20.68 -18.38
C ALA C 213 20.52 -21.22 -19.80
N VAL C 214 21.19 -20.43 -20.62
CA VAL C 214 21.37 -20.76 -22.03
C VAL C 214 22.86 -20.83 -22.34
N ALA C 215 23.18 -21.65 -23.34
CA ALA C 215 24.56 -21.84 -23.80
C ALA C 215 24.54 -22.58 -25.13
N PRO C 216 25.53 -22.37 -25.99
CA PRO C 216 25.63 -23.18 -27.21
C PRO C 216 25.92 -24.63 -26.86
N ASN C 217 25.23 -25.54 -27.52
CA ASN C 217 25.44 -26.97 -27.36
C ASN C 217 26.01 -27.59 -28.64
N PHE C 218 26.89 -26.86 -29.32
CA PHE C 218 27.52 -27.32 -30.54
C PHE C 218 28.93 -26.75 -30.64
N PRO C 219 29.89 -27.53 -31.13
CA PRO C 219 31.27 -27.03 -31.23
C PRO C 219 31.37 -25.85 -32.19
N GLY C 220 32.31 -24.95 -31.89
CA GLY C 220 32.56 -23.80 -32.73
C GLY C 220 31.47 -22.74 -32.71
N GLU C 221 30.54 -22.80 -31.77
CA GLU C 221 29.42 -21.89 -31.71
C GLU C 221 29.50 -21.01 -30.47
N GLN C 222 29.07 -19.77 -30.62
CA GLN C 222 29.01 -18.80 -29.53
C GLN C 222 27.63 -18.16 -29.52
N LEU C 223 27.24 -17.66 -28.34
CA LEU C 223 25.98 -16.94 -28.24
C LEU C 223 26.02 -15.66 -29.05
N LEU C 224 24.89 -15.31 -29.65
CA LEU C 224 24.72 -14.06 -30.37
C LEU C 224 23.83 -13.13 -29.56
N PHE C 225 24.29 -11.91 -29.32
CA PHE C 225 23.62 -10.97 -28.43
C PHE C 225 23.13 -9.75 -29.20
N PHE C 226 22.01 -9.22 -28.76
CA PHE C 226 21.53 -7.89 -29.15
C PHE C 226 22.00 -6.93 -28.06
N ARG C 227 22.88 -5.99 -28.45
CA ARG C 227 23.65 -5.21 -27.49
C ARG C 227 23.20 -3.75 -27.49
N SER C 228 23.03 -3.20 -26.29
CA SER C 228 22.75 -1.78 -26.10
C SER C 228 23.83 -1.17 -25.21
N GLN C 229 24.07 0.13 -25.40
CA GLN C 229 24.98 0.90 -24.58
C GLN C 229 24.13 1.88 -23.76
N LEU C 230 23.87 1.52 -22.51
CA LEU C 230 22.97 2.30 -21.68
C LEU C 230 23.61 3.62 -21.26
N PRO C 231 22.80 4.67 -21.04
CA PRO C 231 23.34 5.89 -20.44
C PRO C 231 23.86 5.64 -19.04
N SER C 232 24.77 6.51 -18.61
CA SER C 232 25.38 6.41 -17.29
C SER C 232 25.35 7.77 -16.61
N SER C 233 25.06 7.78 -15.32
CA SER C 233 24.98 9.04 -14.57
C SER C 233 26.35 9.57 -14.19
N GLY C 234 27.39 8.76 -14.29
CA GLY C 234 28.73 9.19 -13.92
C GLY C 234 29.66 8.00 -13.94
N GLY C 235 30.95 8.31 -13.78
CA GLY C 235 31.96 7.28 -13.84
C GLY C 235 32.28 6.88 -15.27
N ARG C 236 33.00 5.76 -15.38
CA ARG C 236 33.48 5.28 -16.67
C ARG C 236 32.76 4.03 -17.14
N SER C 237 31.57 3.76 -16.62
CA SER C 237 30.83 2.56 -17.02
C SER C 237 30.44 2.64 -18.49
N ASN C 238 30.75 1.58 -19.24
CA ASN C 238 30.34 1.52 -20.64
C ASN C 238 28.87 1.17 -20.81
N GLY C 239 28.20 0.73 -19.73
CA GLY C 239 26.77 0.49 -19.78
C GLY C 239 26.34 -0.58 -20.75
N VAL C 240 27.19 -1.57 -21.01
CA VAL C 240 26.89 -2.58 -22.02
C VAL C 240 25.86 -3.56 -21.45
N LEU C 241 24.75 -3.73 -22.17
CA LEU C 241 23.72 -4.68 -21.79
C LEU C 241 23.34 -5.52 -23.01
N ASP C 242 23.54 -6.82 -22.90
CA ASP C 242 23.20 -7.76 -23.96
C ASP C 242 21.90 -8.48 -23.62
N CYS C 243 21.01 -8.59 -24.61
CA CYS C 243 19.79 -9.37 -24.46
C CYS C 243 19.78 -10.49 -25.50
N LEU C 244 19.14 -11.60 -25.13
CA LEU C 244 19.12 -12.76 -26.01
C LEU C 244 18.26 -12.53 -27.24
N VAL C 245 17.23 -11.70 -27.11
CA VAL C 245 16.19 -11.55 -28.12
C VAL C 245 15.61 -10.14 -27.97
N PRO C 246 15.31 -9.44 -29.05
CA PRO C 246 14.74 -8.09 -28.90
C PRO C 246 13.34 -8.16 -28.30
N GLN C 247 12.91 -7.02 -27.74
CA GLN C 247 11.58 -6.97 -27.16
C GLN C 247 10.49 -7.18 -28.21
N GLU C 248 10.76 -6.76 -29.46
CA GLU C 248 9.77 -6.94 -30.51
C GLU C 248 9.56 -8.41 -30.85
N TRP C 249 10.58 -9.25 -30.67
CA TRP C 249 10.37 -10.69 -30.86
C TRP C 249 9.62 -11.29 -29.70
N VAL C 250 9.84 -10.79 -28.48
CA VAL C 250 9.04 -11.21 -27.33
C VAL C 250 7.57 -10.97 -27.61
N GLN C 251 7.24 -9.76 -28.08
CA GLN C 251 5.85 -9.42 -28.36
C GLN C 251 5.32 -10.23 -29.54
N HIS C 252 6.14 -10.40 -30.58
CA HIS C 252 5.70 -11.11 -31.78
C HIS C 252 5.43 -12.58 -31.49
N PHE C 253 6.37 -13.26 -30.85
CA PHE C 253 6.18 -14.67 -30.53
C PHE C 253 4.99 -14.89 -29.60
N TYR C 254 4.78 -13.97 -28.66
CA TYR C 254 3.60 -14.06 -27.80
C TYR C 254 2.32 -13.98 -28.61
N GLN C 255 2.29 -13.09 -29.61
CA GLN C 255 1.10 -12.96 -30.45
C GLN C 255 0.92 -14.16 -31.37
N GLU C 256 2.02 -14.63 -31.97
CA GLU C 256 1.92 -15.66 -33.00
C GLU C 256 1.76 -17.05 -32.40
N SER C 257 2.62 -17.40 -31.44
CA SER C 257 2.59 -18.72 -30.79
C SER C 257 2.63 -19.84 -31.82
N ALA C 258 3.41 -19.63 -32.89
CA ALA C 258 3.55 -20.65 -33.91
C ALA C 258 4.22 -21.89 -33.31
N PRO C 259 3.75 -23.09 -33.66
CA PRO C 259 4.36 -24.30 -33.10
C PRO C 259 5.80 -24.45 -33.56
N ALA C 260 6.66 -24.82 -32.61
CA ALA C 260 8.08 -25.03 -32.89
C ALA C 260 8.28 -26.45 -33.41
N GLN C 261 8.65 -26.55 -34.66
CA GLN C 261 8.89 -27.83 -35.29
C GLN C 261 10.02 -28.60 -34.78
N THR C 262 11.07 -27.90 -34.44
CA THR C 262 12.24 -28.47 -33.85
C THR C 262 12.74 -27.61 -32.76
N GLN C 263 13.83 -28.01 -32.17
CA GLN C 263 14.50 -27.26 -31.17
C GLN C 263 15.33 -26.12 -31.69
N VAL C 264 15.59 -26.08 -32.96
CA VAL C 264 16.44 -25.05 -33.56
C VAL C 264 15.77 -24.55 -34.83
N ALA C 265 15.68 -23.22 -34.96
CA ALA C 265 15.20 -22.57 -36.18
C ALA C 265 16.38 -21.90 -36.86
N LEU C 266 16.63 -22.25 -38.11
CA LEU C 266 17.68 -21.60 -38.88
C LEU C 266 17.20 -20.23 -39.35
N VAL C 267 18.02 -19.22 -39.10
CA VAL C 267 17.70 -17.85 -39.50
C VAL C 267 18.88 -17.29 -40.26
N ARG C 268 18.59 -16.41 -41.22
CA ARG C 268 19.60 -15.81 -42.06
C ARG C 268 19.46 -14.30 -42.05
N TYR C 269 20.59 -13.62 -41.89
CA TYR C 269 20.63 -12.16 -41.99
C TYR C 269 20.84 -11.80 -43.45
N VAL C 270 19.82 -11.21 -44.07
CA VAL C 270 19.80 -10.94 -45.50
C VAL C 270 19.86 -9.43 -45.71
N ASN C 271 20.64 -9.01 -46.70
CA ASN C 271 20.67 -7.62 -47.13
C ASN C 271 19.71 -7.51 -48.30
N PRO C 272 18.62 -6.74 -48.19
CA PRO C 272 17.58 -6.77 -49.24
C PRO C 272 17.95 -6.02 -50.51
N ASP C 273 18.91 -5.08 -50.43
CA ASP C 273 19.39 -4.42 -51.64
C ASP C 273 20.26 -5.38 -52.45
N THR C 274 21.27 -5.97 -51.81
CA THR C 274 22.07 -7.01 -52.43
C THR C 274 21.27 -8.26 -52.75
N GLY C 275 20.21 -8.52 -52.00
CA GLY C 275 19.54 -9.80 -52.06
C GLY C 275 20.44 -10.99 -51.72
N ARG C 276 21.38 -10.81 -50.80
CA ARG C 276 22.35 -11.85 -50.48
C ARG C 276 22.55 -11.94 -48.97
N VAL C 277 22.65 -13.18 -48.48
CA VAL C 277 22.78 -13.43 -47.05
C VAL C 277 24.17 -13.07 -46.57
N LEU C 278 24.24 -12.37 -45.44
CA LEU C 278 25.51 -11.98 -44.82
C LEU C 278 26.05 -13.06 -43.89
N PHE C 279 25.18 -13.66 -43.07
CA PHE C 279 25.55 -14.79 -42.22
C PHE C 279 24.29 -15.53 -41.83
N GLU C 280 24.47 -16.67 -41.19
CA GLU C 280 23.36 -17.47 -40.69
C GLU C 280 23.59 -17.81 -39.22
N ALA C 281 22.50 -18.11 -38.53
CA ALA C 281 22.54 -18.36 -37.10
C ALA C 281 21.47 -19.37 -36.73
N LYS C 282 21.58 -19.89 -35.51
CA LYS C 282 20.57 -20.79 -34.96
C LYS C 282 19.74 -20.02 -33.94
N LEU C 283 18.43 -19.98 -34.17
CA LEU C 283 17.49 -19.42 -33.19
C LEU C 283 16.88 -20.59 -32.41
N HIS C 284 17.32 -20.77 -31.17
CA HIS C 284 16.91 -21.91 -30.39
C HIS C 284 15.51 -21.74 -29.84
N LYS C 285 14.89 -22.87 -29.49
CA LYS C 285 13.51 -22.85 -29.03
C LYS C 285 13.35 -22.10 -27.71
N LEU C 286 14.35 -22.15 -26.84
CA LEU C 286 14.28 -21.46 -25.56
C LEU C 286 14.52 -19.96 -25.67
N GLY C 287 14.75 -19.45 -26.88
CA GLY C 287 14.80 -18.01 -27.09
C GLY C 287 16.17 -17.38 -26.99
N PHE C 288 17.13 -17.91 -27.75
CA PHE C 288 18.48 -17.36 -27.79
C PHE C 288 19.12 -17.81 -29.09
N MET C 289 20.17 -17.11 -29.48
CA MET C 289 20.80 -17.34 -30.78
C MET C 289 22.25 -17.76 -30.62
N THR C 290 22.72 -18.55 -31.58
CA THR C 290 24.12 -18.97 -31.65
C THR C 290 24.62 -18.80 -33.08
N ILE C 291 25.90 -18.45 -33.19
CA ILE C 291 26.57 -18.31 -34.49
C ILE C 291 27.87 -19.11 -34.44
N ALA C 292 28.35 -19.46 -35.63
CA ALA C 292 29.64 -20.15 -35.77
C ALA C 292 30.74 -19.10 -35.82
N LYS C 293 31.28 -18.77 -34.66
CA LYS C 293 32.27 -17.69 -34.55
C LYS C 293 33.01 -17.84 -33.24
N ASN C 294 34.30 -17.49 -33.24
CA ASN C 294 35.15 -17.57 -32.06
C ASN C 294 35.70 -16.20 -31.73
N GLY C 295 35.66 -15.84 -30.45
CA GLY C 295 36.19 -14.58 -29.97
C GLY C 295 35.10 -13.58 -29.64
N ASP C 296 35.51 -12.53 -28.93
CA ASP C 296 34.63 -11.42 -28.59
C ASP C 296 34.68 -10.41 -29.72
N SER C 297 33.54 -10.18 -30.38
CA SER C 297 33.56 -9.36 -31.58
C SER C 297 32.19 -8.79 -31.86
N PRO C 298 32.09 -7.56 -32.34
CA PRO C 298 30.82 -7.08 -32.90
C PRO C 298 30.58 -7.70 -34.27
N ILE C 299 29.30 -7.89 -34.59
CA ILE C 299 28.89 -8.37 -35.90
C ILE C 299 28.25 -7.19 -36.62
N THR C 300 29.02 -6.53 -37.48
CA THR C 300 28.52 -5.36 -38.20
C THR C 300 27.58 -5.79 -39.31
N VAL C 301 26.53 -5.01 -39.52
CA VAL C 301 25.49 -5.34 -40.48
C VAL C 301 25.11 -4.10 -41.26
N PRO C 302 24.63 -4.27 -42.50
CA PRO C 302 24.16 -3.12 -43.26
C PRO C 302 22.91 -2.53 -42.63
N PRO C 303 22.68 -1.23 -42.80
CA PRO C 303 21.52 -0.60 -42.12
C PRO C 303 20.18 -1.13 -42.57
N ASN C 304 20.11 -1.77 -43.73
CA ASN C 304 18.85 -2.30 -44.25
C ASN C 304 18.73 -3.81 -44.09
N GLY C 305 19.77 -4.49 -43.59
CA GLY C 305 19.68 -5.91 -43.38
C GLY C 305 18.74 -6.27 -42.24
N TYR C 306 18.28 -7.52 -42.26
CA TYR C 306 17.36 -7.99 -41.23
C TYR C 306 17.38 -9.51 -41.19
N PHE C 307 17.02 -10.04 -40.03
CA PHE C 307 16.93 -11.49 -39.86
C PHE C 307 15.69 -12.02 -40.58
N ARG C 308 15.82 -13.19 -41.19
CA ARG C 308 14.74 -13.93 -41.79
C ARG C 308 14.76 -15.39 -41.43
N PHE C 309 13.63 -15.96 -41.08
CA PHE C 309 13.55 -17.38 -40.78
C PHE C 309 13.75 -18.15 -42.05
N GLU C 310 14.62 -19.16 -42.01
CA GLU C 310 14.90 -19.98 -43.19
C GLU C 310 14.25 -21.38 -43.21
N SER C 311 14.43 -22.12 -42.11
CA SER C 311 13.89 -23.44 -41.95
C SER C 311 14.09 -24.00 -40.55
N TRP C 312 13.27 -24.92 -40.14
CA TRP C 312 13.57 -25.68 -38.95
C TRP C 312 14.61 -26.75 -39.27
N VAL C 313 15.60 -26.90 -38.40
CA VAL C 313 16.70 -27.82 -38.62
C VAL C 313 16.87 -28.69 -37.39
N ASN C 314 17.72 -29.70 -37.54
CA ASN C 314 18.15 -30.51 -36.41
C ASN C 314 19.21 -29.75 -35.62
N PRO C 315 19.38 -30.09 -34.33
CA PRO C 315 20.41 -29.39 -33.54
C PRO C 315 21.82 -29.54 -34.07
N PHE C 316 22.11 -30.64 -34.77
CA PHE C 316 23.46 -30.89 -35.26
C PHE C 316 23.75 -30.24 -36.62
N TYR C 317 22.85 -29.38 -37.10
CA TYR C 317 23.14 -28.60 -38.29
C TYR C 317 24.42 -27.78 -38.06
N THR C 318 25.25 -27.68 -39.09
CA THR C 318 26.51 -26.95 -39.00
C THR C 318 26.35 -25.59 -39.66
N LEU C 319 26.52 -24.53 -38.88
CA LEU C 319 26.40 -23.18 -39.40
C LEU C 319 27.63 -22.80 -40.20
N ALA C 320 27.42 -22.03 -41.27
CA ALA C 320 28.54 -21.46 -41.99
C ALA C 320 29.31 -20.51 -41.06
N PRO C 321 30.64 -20.55 -41.07
CA PRO C 321 31.41 -19.73 -40.12
C PRO C 321 31.17 -18.25 -40.35
N MET C 322 31.28 -17.49 -39.25
CA MET C 322 30.97 -16.05 -39.15
C MET C 322 29.47 -15.80 -39.20
N LYS D 7 15.97 9.53 45.59
CA LYS D 7 16.23 8.11 45.77
C LYS D 7 15.92 7.35 44.48
N THR D 8 16.31 6.08 44.45
CA THR D 8 15.88 5.16 43.41
C THR D 8 14.35 5.16 43.30
N LYS D 9 13.85 5.24 42.07
CA LYS D 9 12.40 5.24 41.88
C LYS D 9 11.84 3.86 42.17
N PRO D 10 10.83 3.75 43.02
CA PRO D 10 10.33 2.42 43.43
C PRO D 10 9.47 1.76 42.37
N PHE D 11 9.57 0.44 42.31
CA PHE D 11 8.67 -0.34 41.47
C PHE D 11 7.29 -0.40 42.09
N THR D 12 6.25 -0.31 41.24
CA THR D 12 4.87 -0.34 41.70
C THR D 12 4.03 -1.13 40.71
N LEU D 13 2.94 -1.69 41.22
CA LEU D 13 1.87 -2.25 40.44
C LEU D 13 0.63 -1.37 40.57
N PRO D 14 -0.12 -1.16 39.49
CA PRO D 14 -1.38 -0.43 39.63
C PRO D 14 -2.35 -1.21 40.50
N ILE D 15 -3.13 -0.48 41.29
CA ILE D 15 -4.11 -1.10 42.18
C ILE D 15 -5.35 -1.40 41.34
N LEU D 16 -5.46 -2.65 40.89
CA LEU D 16 -6.55 -3.06 40.02
C LEU D 16 -7.10 -4.40 40.49
N THR D 17 -8.43 -4.48 40.54
CA THR D 17 -9.12 -5.71 40.86
C THR D 17 -9.18 -6.62 39.63
N ILE D 18 -9.46 -7.90 39.87
CA ILE D 18 -9.56 -8.87 38.79
C ILE D 18 -10.45 -8.36 37.65
N SER D 19 -11.56 -7.72 38.01
CA SER D 19 -12.52 -7.20 37.03
C SER D 19 -12.12 -5.83 36.48
N GLU D 20 -10.92 -5.34 36.79
CA GLU D 20 -10.44 -4.07 36.27
C GLU D 20 -9.20 -4.24 35.40
N MET D 21 -8.99 -5.43 34.85
CA MET D 21 -7.80 -5.74 34.05
C MET D 21 -8.20 -6.18 32.66
N SER D 22 -7.37 -5.84 31.68
CA SER D 22 -7.60 -6.18 30.29
C SER D 22 -6.56 -7.19 29.82
N ASN D 23 -6.99 -8.10 28.96
CA ASN D 23 -6.05 -9.03 28.33
C ASN D 23 -5.11 -8.26 27.41
N SER D 24 -3.84 -8.67 27.42
CA SER D 24 -2.82 -8.01 26.61
C SER D 24 -2.56 -8.72 25.29
N ARG D 25 -3.27 -9.81 25.01
CA ARG D 25 -3.19 -10.49 23.73
C ARG D 25 -4.47 -10.38 22.91
N PHE D 26 -5.49 -9.69 23.43
CA PHE D 26 -6.78 -9.50 22.77
C PHE D 26 -7.56 -8.41 23.50
N PRO D 27 -8.32 -7.57 22.80
CA PRO D 27 -9.02 -6.44 23.46
C PRO D 27 -10.28 -6.85 24.20
N VAL D 28 -10.09 -7.61 25.28
CA VAL D 28 -11.19 -8.08 26.12
C VAL D 28 -10.78 -7.98 27.58
N PRO D 29 -11.74 -7.96 28.50
CA PRO D 29 -11.39 -7.94 29.92
C PRO D 29 -10.84 -9.29 30.38
N ILE D 30 -10.05 -9.22 31.46
CA ILE D 30 -9.55 -10.43 32.09
C ILE D 30 -10.71 -11.14 32.80
N ASP D 31 -10.81 -12.45 32.59
CA ASP D 31 -11.91 -13.20 33.17
C ASP D 31 -11.54 -13.91 34.47
N SER D 32 -10.34 -14.47 34.56
CA SER D 32 -9.96 -15.21 35.76
C SER D 32 -8.44 -15.32 35.81
N LEU D 33 -7.93 -15.85 36.92
CA LEU D 33 -6.54 -16.26 37.06
C LEU D 33 -6.47 -17.76 36.90
N HIS D 34 -5.37 -18.23 36.29
CA HIS D 34 -5.25 -19.64 35.97
C HIS D 34 -3.78 -20.04 36.01
N THR D 35 -3.54 -21.29 36.41
CA THR D 35 -2.21 -21.88 36.35
C THR D 35 -2.30 -23.22 35.64
N SER D 36 -1.20 -23.61 35.00
CA SER D 36 -1.20 -24.83 34.23
C SER D 36 0.23 -25.32 34.08
N PRO D 37 0.46 -26.63 34.07
CA PRO D 37 1.79 -27.14 33.73
C PRO D 37 2.11 -26.84 32.27
N THR D 38 3.33 -26.35 32.03
CA THR D 38 3.75 -25.93 30.69
C THR D 38 5.07 -26.56 30.28
N GLU D 39 5.43 -27.67 30.92
CA GLU D 39 6.70 -28.35 30.64
C GLU D 39 6.81 -28.77 29.18
N ASN D 40 5.71 -29.24 28.59
CA ASN D 40 5.74 -29.84 27.26
C ASN D 40 5.28 -28.89 26.17
N ILE D 41 5.19 -27.59 26.46
CA ILE D 41 4.87 -26.58 25.46
C ILE D 41 5.86 -25.43 25.62
N VAL D 42 5.99 -24.64 24.56
CA VAL D 42 6.85 -23.46 24.56
C VAL D 42 5.95 -22.24 24.65
N VAL D 43 6.07 -21.50 25.73
CA VAL D 43 5.32 -20.33 25.92
C VAL D 43 6.17 -19.19 25.46
N GLN D 44 5.77 -18.65 24.34
CA GLN D 44 6.48 -17.59 23.74
C GLN D 44 5.59 -16.62 23.01
N CYS D 45 4.63 -16.07 23.69
CA CYS D 45 3.69 -15.14 23.09
C CYS D 45 4.34 -13.81 22.79
N GLN D 46 3.85 -13.10 21.81
CA GLN D 46 4.52 -11.88 21.40
C GLN D 46 3.79 -10.60 21.81
N ASN D 47 2.48 -10.66 22.04
CA ASN D 47 1.76 -9.54 22.59
C ASN D 47 1.72 -9.65 24.11
N GLY D 48 1.69 -8.50 24.77
CA GLY D 48 1.75 -8.47 26.22
C GLY D 48 3.10 -8.87 26.76
N ARG D 49 4.18 -8.40 26.13
CA ARG D 49 5.54 -8.73 26.54
C ARG D 49 6.25 -7.44 26.91
N VAL D 50 6.52 -7.28 28.21
CA VAL D 50 7.16 -6.07 28.71
C VAL D 50 8.05 -6.47 29.88
N THR D 51 9.21 -5.82 29.99
CA THR D 51 10.05 -6.01 31.16
C THR D 51 9.54 -5.15 32.31
N LEU D 52 9.93 -5.54 33.53
CA LEU D 52 9.48 -4.80 34.71
C LEU D 52 10.00 -3.38 34.72
N ASP D 53 11.10 -3.10 33.99
CA ASP D 53 11.62 -1.74 33.87
C ASP D 53 11.20 -1.07 32.57
N GLY D 54 10.08 -1.51 31.98
CA GLY D 54 9.40 -0.74 30.96
C GLY D 54 9.84 -0.95 29.53
N GLU D 55 10.54 -2.04 29.21
CA GLU D 55 10.94 -2.32 27.85
C GLU D 55 9.92 -3.24 27.20
N LEU D 56 9.29 -2.76 26.13
CA LEU D 56 8.35 -3.58 25.37
C LEU D 56 9.12 -4.56 24.47
N MET D 57 8.52 -5.72 24.24
CA MET D 57 9.15 -6.77 23.44
C MET D 57 8.13 -7.38 22.50
N GLY D 58 8.65 -8.08 21.49
CA GLY D 58 7.77 -8.77 20.55
C GLY D 58 7.02 -7.78 19.68
N THR D 59 5.71 -7.99 19.57
CA THR D 59 4.83 -7.11 18.81
C THR D 59 3.95 -6.28 19.73
N THR D 60 4.41 -6.03 20.95
CA THR D 60 3.62 -5.36 21.97
C THR D 60 3.57 -3.86 21.73
N GLN D 61 2.40 -3.27 21.94
CA GLN D 61 2.20 -1.83 21.85
C GLN D 61 1.23 -1.42 22.95
N LEU D 62 0.95 -0.11 23.03
CA LEU D 62 0.27 0.45 24.20
C LEU D 62 -1.25 0.48 24.07
N LEU D 63 -1.78 0.57 22.86
CA LEU D 63 -3.22 0.73 22.69
C LEU D 63 -3.94 -0.59 22.93
N PRO D 64 -4.89 -0.65 23.87
CA PRO D 64 -5.57 -1.93 24.14
C PRO D 64 -6.42 -2.42 22.98
N SER D 65 -6.96 -1.51 22.17
CA SER D 65 -7.86 -1.92 21.09
C SER D 65 -7.14 -2.43 19.86
N GLN D 66 -5.84 -2.18 19.74
CA GLN D 66 -5.10 -2.51 18.52
C GLN D 66 -4.49 -3.90 18.55
N ILE D 67 -4.70 -4.67 19.60
CA ILE D 67 -4.21 -6.04 19.66
C ILE D 67 -5.11 -6.91 18.78
N CYS D 68 -4.52 -7.47 17.72
CA CYS D 68 -5.20 -8.28 16.70
C CYS D 68 -6.11 -7.46 15.80
N ALA D 69 -5.94 -6.14 15.79
CA ALA D 69 -6.57 -5.27 14.82
C ALA D 69 -5.58 -4.97 13.69
N PHE D 70 -6.09 -4.36 12.63
CA PHE D 70 -5.20 -3.87 11.58
C PHE D 70 -5.93 -2.84 10.74
N ARG D 71 -5.13 -2.04 10.02
CA ARG D 71 -5.62 -1.08 9.05
C ARG D 71 -4.83 -1.27 7.76
N GLY D 72 -5.47 -0.99 6.64
CA GLY D 72 -4.80 -1.12 5.36
C GLY D 72 -5.72 -0.85 4.20
N THR D 73 -5.29 -1.31 3.03
CA THR D 73 -6.05 -1.17 1.79
C THR D 73 -6.52 -2.55 1.35
N LEU D 74 -7.82 -2.66 1.07
CA LEU D 74 -8.41 -3.91 0.64
C LEU D 74 -8.43 -3.98 -0.88
N THR D 75 -7.89 -5.06 -1.43
CA THR D 75 -8.05 -5.39 -2.84
C THR D 75 -8.54 -6.82 -2.94
N ARG D 76 -9.13 -7.13 -4.09
CA ARG D 76 -9.70 -8.46 -4.30
C ARG D 76 -8.59 -9.49 -4.50
N SER D 77 -8.96 -10.76 -4.36
CA SER D 77 -8.04 -11.86 -4.59
C SER D 77 -8.78 -13.06 -5.17
N LEU D 92 -21.38 -19.10 5.16
CA LEU D 92 -20.16 -19.61 4.56
C LEU D 92 -19.26 -18.46 4.11
N PHE D 93 -18.14 -18.30 4.81
CA PHE D 93 -17.18 -17.23 4.53
C PHE D 93 -16.30 -17.66 3.35
N ASN D 94 -16.67 -17.23 2.15
CA ASN D 94 -16.00 -17.71 0.94
C ASN D 94 -15.51 -16.59 0.02
N TYR D 95 -15.50 -15.34 0.47
CA TYR D 95 -14.95 -14.24 -0.29
C TYR D 95 -13.58 -13.88 0.29
N TYR D 96 -12.55 -13.96 -0.55
CA TYR D 96 -11.18 -13.71 -0.12
C TYR D 96 -10.75 -12.31 -0.55
N TRP D 97 -10.07 -11.61 0.34
CA TRP D 97 -9.61 -10.26 0.10
C TRP D 97 -8.16 -10.11 0.53
N HIS D 98 -7.39 -9.38 -0.26
CA HIS D 98 -6.01 -9.05 0.06
C HIS D 98 -5.97 -7.74 0.82
N ILE D 99 -5.22 -7.70 1.91
CA ILE D 99 -5.08 -6.52 2.74
C ILE D 99 -3.62 -6.09 2.72
N GLN D 100 -3.35 -4.93 2.12
CA GLN D 100 -2.03 -4.33 2.19
C GLN D 100 -1.97 -3.50 3.47
N LEU D 101 -1.10 -3.91 4.40
CA LEU D 101 -1.15 -3.41 5.77
C LEU D 101 -0.44 -2.07 5.92
N ASP D 102 -1.09 -1.15 6.64
CA ASP D 102 -0.50 0.11 7.05
C ASP D 102 -0.23 0.09 8.54
N ASN D 103 0.72 0.92 8.97
CA ASN D 103 0.84 1.23 10.38
C ASN D 103 -0.34 2.08 10.83
N LEU D 104 -0.43 2.35 12.11
CA LEU D 104 -1.51 3.20 12.62
C LEU D 104 -1.40 4.61 12.07
N ASN D 105 -0.22 4.88 11.53
CA ASN D 105 0.14 6.08 10.82
C ASN D 105 -0.66 6.31 9.58
N GLY D 106 -0.89 5.25 8.83
CA GLY D 106 -1.42 5.31 7.50
C GLY D 106 -0.42 4.95 6.44
N THR D 107 0.86 4.95 6.74
CA THR D 107 1.94 4.53 5.83
C THR D 107 2.24 3.05 5.88
N PRO D 108 2.58 2.46 4.75
CA PRO D 108 2.79 1.00 4.77
C PRO D 108 3.80 0.59 5.82
N TYR D 109 3.59 -0.62 6.36
CA TYR D 109 4.50 -1.17 7.35
C TYR D 109 5.84 -1.48 6.69
N ASP D 110 6.93 -1.09 7.36
CA ASP D 110 8.27 -1.32 6.84
C ASP D 110 8.80 -2.64 7.38
N PRO D 111 8.97 -3.66 6.54
CA PRO D 111 9.46 -4.96 7.05
C PRO D 111 10.88 -4.93 7.59
N ALA D 112 11.57 -3.81 7.53
CA ALA D 112 12.92 -3.81 8.02
C ALA D 112 13.15 -3.46 9.47
N GLU D 113 12.14 -3.08 10.20
CA GLU D 113 12.28 -2.92 11.64
C GLU D 113 12.49 -4.24 12.36
N ASP D 114 13.22 -4.22 13.44
CA ASP D 114 13.53 -5.42 14.18
C ASP D 114 12.41 -5.76 15.10
N ILE D 115 11.28 -6.11 14.54
CA ILE D 115 10.19 -6.64 15.30
C ILE D 115 9.78 -7.84 14.53
N PRO D 116 9.09 -8.80 15.15
CA PRO D 116 8.61 -10.02 14.46
C PRO D 116 7.56 -9.75 13.39
N ALA D 117 6.76 -8.70 13.56
CA ALA D 117 5.62 -8.40 12.71
C ALA D 117 5.10 -7.03 13.11
N PRO D 118 4.16 -6.44 12.36
CA PRO D 118 3.54 -5.18 12.84
C PRO D 118 3.03 -5.33 14.26
N LEU D 119 3.14 -4.24 15.02
CA LEU D 119 2.73 -4.28 16.42
C LEU D 119 1.23 -4.56 16.52
N GLY D 120 0.87 -5.46 17.44
CA GLY D 120 -0.50 -5.90 17.58
C GLY D 120 -0.87 -7.11 16.75
N THR D 121 0.02 -7.57 15.88
CA THR D 121 -0.26 -8.73 15.05
C THR D 121 -0.56 -9.94 15.93
N PRO D 122 -1.59 -10.74 15.59
CA PRO D 122 -1.91 -11.92 16.39
C PRO D 122 -0.69 -12.82 16.59
N ASP D 123 -0.64 -13.45 17.77
CA ASP D 123 0.49 -14.29 18.16
C ASP D 123 0.05 -15.72 18.44
N PHE D 124 -1.00 -16.17 17.77
CA PHE D 124 -1.49 -17.53 17.94
C PHE D 124 -1.96 -18.07 16.60
N ARG D 125 -2.08 -19.39 16.53
CA ARG D 125 -2.60 -20.06 15.35
C ARG D 125 -4.11 -20.26 15.49
N GLY D 126 -4.84 -19.90 14.46
CA GLY D 126 -6.28 -19.95 14.49
C GLY D 126 -6.84 -18.89 13.57
N LYS D 127 -8.14 -18.64 13.71
CA LYS D 127 -8.82 -17.61 12.95
C LYS D 127 -9.37 -16.55 13.90
N VAL D 128 -9.01 -15.30 13.65
CA VAL D 128 -9.55 -14.18 14.39
C VAL D 128 -10.85 -13.75 13.73
N PHE D 129 -11.92 -13.66 14.52
CA PHE D 129 -13.23 -13.24 14.03
C PHE D 129 -13.46 -11.79 14.43
N GLY D 130 -13.86 -10.98 13.46
CA GLY D 130 -14.11 -9.58 13.71
C GLY D 130 -14.99 -8.96 12.65
N VAL D 131 -14.86 -7.64 12.49
CA VAL D 131 -15.63 -6.89 11.51
C VAL D 131 -14.67 -6.02 10.72
N ALA D 132 -14.70 -6.14 9.39
CA ALA D 132 -13.94 -5.27 8.50
C ALA D 132 -14.84 -4.15 8.02
N SER D 133 -14.34 -2.92 8.07
CA SER D 133 -15.12 -1.74 7.74
C SER D 133 -14.36 -0.86 6.78
N GLN D 134 -15.11 -0.12 5.95
CA GLN D 134 -14.54 0.77 4.95
C GLN D 134 -15.22 2.12 4.99
N ARG D 135 -14.47 3.16 4.63
CA ARG D 135 -15.01 4.49 4.40
C ARG D 135 -14.28 5.09 3.22
N ASN D 136 -15.01 5.41 2.17
CA ASN D 136 -14.44 5.86 0.90
C ASN D 136 -14.31 7.37 0.85
N PRO D 137 -13.51 7.90 -0.07
CA PRO D 137 -13.40 9.36 -0.21
C PRO D 137 -14.72 10.07 -0.39
N ASP D 138 -15.71 9.45 -1.05
CA ASP D 138 -17.02 10.06 -1.19
C ASP D 138 -17.88 9.89 0.06
N SER D 139 -17.29 9.44 1.17
CA SER D 139 -17.89 9.31 2.50
C SER D 139 -18.87 8.16 2.62
N THR D 140 -18.99 7.31 1.60
CA THR D 140 -19.81 6.10 1.71
C THR D 140 -19.09 5.06 2.55
N THR D 141 -19.85 4.30 3.34
CA THR D 141 -19.27 3.36 4.30
C THR D 141 -19.95 2.00 4.18
N ARG D 142 -19.25 0.98 4.68
CA ARG D 142 -19.77 -0.38 4.76
C ARG D 142 -18.95 -1.16 5.77
N ALA D 143 -19.58 -2.13 6.42
CA ALA D 143 -18.91 -2.95 7.42
C ALA D 143 -19.58 -4.32 7.47
N HIS D 144 -18.76 -5.37 7.49
CA HIS D 144 -19.26 -6.74 7.55
C HIS D 144 -18.29 -7.59 8.36
N GLU D 145 -18.79 -8.75 8.78
CA GLU D 145 -17.94 -9.68 9.53
C GLU D 145 -16.84 -10.23 8.65
N ALA D 146 -15.69 -10.49 9.27
CA ALA D 146 -14.54 -11.03 8.55
C ALA D 146 -13.77 -11.95 9.47
N LYS D 147 -12.93 -12.80 8.88
CA LYS D 147 -12.07 -13.70 9.63
C LYS D 147 -10.66 -13.60 9.10
N VAL D 148 -9.69 -13.76 10.00
CA VAL D 148 -8.27 -13.67 9.68
C VAL D 148 -7.63 -15.00 10.06
N ASP D 149 -7.27 -15.79 9.05
CA ASP D 149 -6.63 -17.09 9.28
C ASP D 149 -5.13 -16.84 9.47
N THR D 150 -4.67 -16.90 10.72
CA THR D 150 -3.26 -16.71 11.00
C THR D 150 -2.39 -17.90 10.60
N THR D 151 -3.00 -19.00 10.15
CA THR D 151 -2.27 -20.15 9.64
C THR D 151 -2.22 -20.20 8.13
N SER D 152 -2.92 -19.29 7.44
CA SER D 152 -2.94 -19.30 5.99
C SER D 152 -1.56 -18.99 5.42
N GLY D 153 -1.27 -19.61 4.28
CA GLY D 153 -0.03 -19.31 3.57
C GLY D 153 0.07 -17.88 3.09
N ARG D 154 -1.04 -17.20 3.08
CA ARG D 154 -1.12 -15.83 2.71
C ARG D 154 -1.20 -14.87 3.88
N PHE D 155 -0.94 -15.36 5.08
CA PHE D 155 -0.73 -14.52 6.24
C PHE D 155 0.74 -14.18 6.31
N THR D 156 1.06 -13.03 5.76
CA THR D 156 2.40 -12.56 5.69
C THR D 156 2.51 -11.14 6.23
N PRO D 157 2.10 -10.93 7.47
CA PRO D 157 2.09 -9.56 8.01
C PRO D 157 3.47 -8.91 8.00
N LYS D 158 4.51 -9.67 8.33
CA LYS D 158 5.84 -9.21 8.31
C LYS D 158 6.21 -8.73 6.92
N LEU D 159 5.68 -9.31 5.86
CA LEU D 159 5.87 -8.83 4.50
C LEU D 159 4.90 -7.71 4.13
N GLY D 160 4.00 -7.34 5.04
CA GLY D 160 3.11 -6.21 4.81
C GLY D 160 1.75 -6.54 4.23
N SER D 161 1.27 -7.76 4.38
CA SER D 161 -0.01 -8.13 3.80
C SER D 161 -0.58 -9.34 4.53
N LEU D 162 -1.90 -9.49 4.45
CA LEU D 162 -2.57 -10.69 4.93
C LEU D 162 -3.87 -10.87 4.14
N GLU D 163 -4.57 -11.96 4.43
CA GLU D 163 -5.77 -12.34 3.72
C GLU D 163 -6.92 -12.46 4.70
N ILE D 164 -8.02 -11.74 4.44
CA ILE D 164 -9.22 -11.87 5.23
C ILE D 164 -10.25 -12.66 4.42
N THR D 165 -11.21 -13.23 5.12
CA THR D 165 -12.31 -13.96 4.49
C THR D 165 -13.62 -13.38 5.01
N THR D 166 -14.59 -13.23 4.11
CA THR D 166 -15.87 -12.64 4.46
C THR D 166 -17.00 -13.42 3.82
N GLU D 167 -18.18 -13.32 4.43
CA GLU D 167 -19.40 -13.88 3.85
C GLU D 167 -20.07 -12.91 2.88
N SER D 168 -19.94 -11.61 3.13
CA SER D 168 -20.51 -10.59 2.25
C SER D 168 -19.55 -10.27 1.12
N ASP D 169 -20.11 -9.96 -0.05
CA ASP D 169 -19.36 -9.53 -1.20
C ASP D 169 -19.26 -8.02 -1.32
N ASP D 170 -19.82 -7.28 -0.36
CA ASP D 170 -19.94 -5.83 -0.44
C ASP D 170 -18.68 -5.20 0.16
N PHE D 171 -17.62 -5.17 -0.65
CA PHE D 171 -16.37 -4.54 -0.27
C PHE D 171 -15.76 -3.87 -1.49
N ASP D 172 -15.57 -2.56 -1.40
CA ASP D 172 -15.00 -1.80 -2.52
C ASP D 172 -13.48 -1.97 -2.54
N PRO D 173 -12.89 -2.34 -3.68
CA PRO D 173 -11.43 -2.45 -3.76
C PRO D 173 -10.76 -1.08 -3.74
N ASN D 174 -9.48 -1.10 -3.39
CA ASN D 174 -8.65 0.12 -3.35
C ASN D 174 -9.19 1.14 -2.36
N GLN D 175 -9.73 0.66 -1.24
CA GLN D 175 -10.32 1.55 -0.25
C GLN D 175 -9.76 1.26 1.13
N PRO D 176 -9.67 2.28 1.98
CA PRO D 176 -9.12 2.09 3.33
C PRO D 176 -10.04 1.21 4.16
N THR D 177 -9.45 0.19 4.80
CA THR D 177 -10.20 -0.82 5.52
C THR D 177 -9.60 -1.02 6.89
N LYS D 178 -10.45 -0.99 7.92
CA LYS D 178 -10.08 -1.32 9.29
C LYS D 178 -10.68 -2.66 9.67
N PHE D 179 -10.06 -3.32 10.65
CA PHE D 179 -10.55 -4.59 11.17
C PHE D 179 -10.63 -4.52 12.68
N THR D 180 -11.84 -4.73 13.22
CA THR D 180 -12.05 -4.71 14.66
C THR D 180 -12.12 -6.14 15.16
N PRO D 181 -11.20 -6.58 15.99
CA PRO D 181 -11.25 -7.95 16.46
C PRO D 181 -12.34 -8.22 17.48
N VAL D 182 -13.11 -9.29 17.27
CA VAL D 182 -14.19 -9.64 18.18
C VAL D 182 -13.91 -10.89 19.01
N GLY D 183 -13.44 -11.94 18.33
CA GLY D 183 -13.14 -13.20 19.00
C GLY D 183 -12.76 -14.30 18.02
N VAL D 184 -12.60 -15.51 18.54
CA VAL D 184 -12.23 -16.67 17.73
C VAL D 184 -13.30 -17.05 16.71
N GLY D 185 -12.86 -17.49 15.54
CA GLY D 185 -13.73 -17.91 14.46
C GLY D 185 -13.29 -19.22 13.83
N VAL D 186 -12.68 -20.09 14.64
CA VAL D 186 -12.31 -21.41 14.15
C VAL D 186 -13.54 -22.30 14.07
N ASP D 187 -13.44 -23.38 13.29
CA ASP D 187 -14.59 -24.26 13.18
C ASP D 187 -14.61 -25.32 14.27
N ASN D 188 -13.52 -26.06 14.45
CA ASN D 188 -13.41 -26.97 15.58
C ASN D 188 -12.26 -26.52 16.48
N GLU D 189 -12.41 -26.86 17.78
CA GLU D 189 -11.58 -26.27 18.83
C GLU D 189 -10.09 -26.43 18.56
N ALA D 190 -9.69 -27.56 17.97
CA ALA D 190 -8.28 -27.87 17.81
C ALA D 190 -7.55 -26.91 16.87
N GLU D 191 -8.28 -26.15 16.05
CA GLU D 191 -7.64 -25.18 15.18
C GLU D 191 -7.07 -23.99 15.95
N PHE D 192 -7.57 -23.73 17.16
CA PHE D 192 -7.11 -22.62 17.99
C PHE D 192 -6.00 -23.13 18.90
N GLN D 193 -4.76 -22.75 18.61
CA GLN D 193 -3.59 -23.14 19.39
C GLN D 193 -2.94 -21.87 19.92
N GLN D 194 -3.33 -21.45 21.12
CA GLN D 194 -2.90 -20.16 21.64
C GLN D 194 -1.40 -20.10 21.90
N TRP D 195 -0.73 -21.24 22.07
CA TRP D 195 0.69 -21.25 22.36
C TRP D 195 1.53 -21.65 21.14
N SER D 196 0.94 -21.60 19.96
CA SER D 196 1.63 -21.88 18.70
C SER D 196 1.67 -20.59 17.89
N LEU D 197 2.86 -20.02 17.73
CA LEU D 197 2.98 -18.75 17.03
C LEU D 197 2.84 -18.95 15.52
N PRO D 198 2.20 -18.00 14.83
CA PRO D 198 2.10 -18.12 13.37
C PRO D 198 3.44 -17.83 12.71
N ASN D 199 3.47 -18.04 11.40
CA ASN D 199 4.63 -17.69 10.59
C ASN D 199 4.41 -16.29 10.05
N TYR D 200 5.07 -15.31 10.67
CA TYR D 200 4.81 -13.91 10.33
C TYR D 200 5.19 -13.58 8.88
N SER D 201 6.10 -14.35 8.28
CA SER D 201 6.47 -14.17 6.88
C SER D 201 6.01 -15.32 6.01
N GLY D 202 4.87 -15.92 6.34
CA GLY D 202 4.42 -17.09 5.60
C GLY D 202 5.47 -18.17 5.64
N GLN D 203 5.78 -18.75 4.48
CA GLN D 203 6.80 -19.78 4.38
C GLN D 203 8.03 -19.30 3.61
N PHE D 204 8.19 -17.98 3.46
CA PHE D 204 9.37 -17.45 2.79
C PHE D 204 10.58 -17.41 3.72
N THR D 205 10.35 -17.12 5.00
CA THR D 205 11.42 -17.08 5.98
C THR D 205 10.82 -17.30 7.37
N HIS D 206 11.68 -17.63 8.31
CA HIS D 206 11.26 -17.96 9.67
C HIS D 206 11.09 -16.70 10.52
N ASN D 207 10.47 -16.89 11.68
CA ASN D 207 10.21 -15.78 12.58
C ASN D 207 11.50 -15.25 13.19
N MET D 208 11.55 -13.94 13.42
CA MET D 208 12.73 -13.27 13.92
C MET D 208 12.35 -12.25 14.98
N ASN D 209 13.36 -11.77 15.71
CA ASN D 209 13.22 -10.69 16.68
C ASN D 209 12.16 -11.02 17.74
N LEU D 210 12.04 -12.29 18.10
CA LEU D 210 10.97 -12.72 19.00
C LEU D 210 11.31 -12.41 20.44
N ALA D 211 10.28 -12.05 21.21
CA ALA D 211 10.42 -12.00 22.66
C ALA D 211 10.72 -13.40 23.18
N PRO D 212 11.56 -13.54 24.20
CA PRO D 212 11.98 -14.88 24.62
C PRO D 212 10.84 -15.69 25.21
N ALA D 213 10.96 -17.01 25.06
CA ALA D 213 10.05 -17.90 25.75
C ALA D 213 10.27 -17.82 27.26
N VAL D 214 9.24 -18.15 28.02
CA VAL D 214 9.27 -18.02 29.47
C VAL D 214 8.92 -19.35 30.11
N ALA D 215 9.50 -19.60 31.28
CA ALA D 215 9.28 -20.85 32.01
C ALA D 215 9.72 -20.65 33.45
N PRO D 216 9.10 -21.35 34.41
CA PRO D 216 9.58 -21.25 35.80
C PRO D 216 10.94 -21.90 35.95
N ASN D 217 11.85 -21.19 36.63
CA ASN D 217 13.21 -21.67 36.86
C ASN D 217 13.41 -22.18 38.27
N PHE D 218 12.37 -22.76 38.87
CA PHE D 218 12.42 -23.18 40.27
C PHE D 218 11.53 -24.39 40.47
N PRO D 219 11.92 -25.34 41.33
CA PRO D 219 11.11 -26.53 41.53
C PRO D 219 9.77 -26.21 42.18
N GLY D 220 8.73 -26.95 41.75
CA GLY D 220 7.41 -26.80 42.30
C GLY D 220 6.64 -25.59 41.83
N GLU D 221 7.13 -24.87 40.83
CA GLU D 221 6.49 -23.66 40.35
C GLU D 221 5.86 -23.88 38.98
N GLN D 222 4.75 -23.19 38.75
CA GLN D 222 4.07 -23.17 37.46
C GLN D 222 3.84 -21.72 37.05
N LEU D 223 3.62 -21.51 35.76
CA LEU D 223 3.28 -20.19 35.27
C LEU D 223 1.89 -19.79 35.75
N LEU D 224 1.72 -18.50 36.01
CA LEU D 224 0.44 -17.92 36.36
C LEU D 224 -0.04 -17.05 35.22
N PHE D 225 -1.28 -17.26 34.79
CA PHE D 225 -1.83 -16.59 33.62
C PHE D 225 -3.01 -15.72 34.00
N PHE D 226 -3.15 -14.62 33.28
CA PHE D 226 -4.37 -13.83 33.28
C PHE D 226 -5.21 -14.29 32.10
N ARG D 227 -6.37 -14.87 32.39
CA ARG D 227 -7.13 -15.65 31.41
C ARG D 227 -8.41 -14.93 31.00
N SER D 228 -8.67 -14.94 29.70
CA SER D 228 -9.92 -14.44 29.13
C SER D 228 -10.55 -15.52 28.27
N GLN D 229 -11.87 -15.49 28.19
CA GLN D 229 -12.62 -16.37 27.29
C GLN D 229 -13.18 -15.50 26.17
N LEU D 230 -12.57 -15.62 24.99
CA LEU D 230 -12.96 -14.78 23.87
C LEU D 230 -14.31 -15.25 23.31
N PRO D 231 -15.09 -14.32 22.75
CA PRO D 231 -16.29 -14.74 22.01
C PRO D 231 -15.93 -15.67 20.86
N SER D 232 -16.89 -16.49 20.46
CA SER D 232 -16.72 -17.39 19.33
C SER D 232 -17.91 -17.24 18.39
N SER D 233 -17.62 -17.19 17.09
CA SER D 233 -18.67 -17.04 16.10
C SER D 233 -19.46 -18.33 15.86
N GLY D 234 -18.93 -19.46 16.27
CA GLY D 234 -19.60 -20.73 16.08
C GLY D 234 -18.72 -21.85 16.59
N GLY D 235 -19.32 -23.03 16.66
CA GLY D 235 -18.61 -24.19 17.15
C GLY D 235 -18.57 -24.25 18.67
N ARG D 236 -17.71 -25.13 19.17
CA ARG D 236 -17.59 -25.40 20.60
C ARG D 236 -16.33 -24.80 21.21
N SER D 237 -15.66 -23.89 20.52
CA SER D 237 -14.40 -23.34 21.01
C SER D 237 -14.61 -22.60 22.33
N ASN D 238 -13.77 -22.92 23.31
CA ASN D 238 -13.84 -22.21 24.59
C ASN D 238 -13.20 -20.83 24.54
N GLY D 239 -12.45 -20.52 23.47
CA GLY D 239 -11.87 -19.20 23.32
C GLY D 239 -10.89 -18.82 24.39
N VAL D 240 -10.23 -19.79 25.02
CA VAL D 240 -9.35 -19.51 26.14
C VAL D 240 -8.07 -18.86 25.63
N LEU D 241 -7.74 -17.69 26.19
CA LEU D 241 -6.54 -16.97 25.84
C LEU D 241 -5.87 -16.50 27.13
N ASP D 242 -4.63 -16.92 27.34
CA ASP D 242 -3.86 -16.58 28.53
C ASP D 242 -2.77 -15.58 28.17
N CYS D 243 -2.71 -14.48 28.90
CA CYS D 243 -1.62 -13.53 28.77
C CYS D 243 -0.76 -13.57 30.04
N LEU D 244 0.53 -13.30 29.87
CA LEU D 244 1.47 -13.32 30.99
C LEU D 244 1.25 -12.16 31.94
N VAL D 245 0.69 -11.06 31.46
CA VAL D 245 0.62 -9.81 32.20
C VAL D 245 -0.47 -8.97 31.55
N PRO D 246 -1.35 -8.34 32.32
CA PRO D 246 -2.44 -7.56 31.71
C PRO D 246 -1.89 -6.33 31.00
N GLN D 247 -2.72 -5.81 30.08
CA GLN D 247 -2.30 -4.65 29.30
C GLN D 247 -2.05 -3.43 30.18
N GLU D 248 -2.80 -3.29 31.27
CA GLU D 248 -2.58 -2.17 32.17
C GLU D 248 -1.18 -2.21 32.78
N TRP D 249 -0.61 -3.40 32.98
CA TRP D 249 0.75 -3.48 33.49
C TRP D 249 1.77 -3.13 32.41
N VAL D 250 1.49 -3.54 31.17
CA VAL D 250 2.32 -3.09 30.03
C VAL D 250 2.38 -1.57 30.01
N GLN D 251 1.23 -0.92 30.07
CA GLN D 251 1.18 0.54 30.03
C GLN D 251 1.82 1.15 31.27
N HIS D 252 1.63 0.52 32.43
CA HIS D 252 2.17 1.07 33.67
C HIS D 252 3.69 0.99 33.70
N PHE D 253 4.24 -0.20 33.43
CA PHE D 253 5.69 -0.36 33.44
C PHE D 253 6.36 0.55 32.42
N TYR D 254 5.75 0.70 31.24
CA TYR D 254 6.29 1.58 30.22
C TYR D 254 6.35 3.03 30.71
N GLN D 255 5.34 3.45 31.47
CA GLN D 255 5.34 4.82 31.99
C GLN D 255 6.35 4.98 33.12
N GLU D 256 6.43 4.01 34.03
CA GLU D 256 7.24 4.15 35.23
C GLU D 256 8.70 3.82 35.01
N SER D 257 8.99 2.73 34.28
CA SER D 257 10.37 2.35 33.96
C SER D 257 11.24 2.27 35.22
N ALA D 258 10.64 1.81 36.31
CA ALA D 258 11.38 1.70 37.56
C ALA D 258 12.49 0.68 37.42
N PRO D 259 13.67 0.95 38.00
CA PRO D 259 14.77 -0.01 37.87
C PRO D 259 14.48 -1.31 38.61
N ALA D 260 14.79 -2.42 37.95
CA ALA D 260 14.59 -3.75 38.52
C ALA D 260 15.79 -4.08 39.41
N GLN D 261 15.55 -4.17 40.71
CA GLN D 261 16.65 -4.38 41.65
C GLN D 261 17.18 -5.81 41.57
N THR D 262 16.29 -6.79 41.36
CA THR D 262 16.69 -8.16 41.11
C THR D 262 15.88 -8.71 39.93
N GLN D 263 16.11 -9.98 39.61
CA GLN D 263 15.39 -10.64 38.55
C GLN D 263 13.98 -11.07 38.96
N VAL D 264 13.64 -10.98 40.24
CA VAL D 264 12.34 -11.45 40.72
C VAL D 264 11.78 -10.42 41.69
N ALA D 265 10.55 -10.00 41.46
CA ALA D 265 9.81 -9.16 42.39
C ALA D 265 8.79 -10.03 43.11
N LEU D 266 8.91 -10.14 44.43
CA LEU D 266 7.89 -10.81 45.21
C LEU D 266 6.62 -9.99 45.21
N VAL D 267 5.50 -10.65 44.98
CA VAL D 267 4.20 -9.99 44.79
C VAL D 267 3.16 -10.78 45.56
N ARG D 268 2.22 -10.07 46.19
CA ARG D 268 1.24 -10.69 47.07
C ARG D 268 -0.16 -10.22 46.73
N TYR D 269 -1.09 -11.16 46.60
CA TYR D 269 -2.50 -10.86 46.39
C TYR D 269 -3.16 -10.66 47.75
N VAL D 270 -3.65 -9.44 47.99
CA VAL D 270 -4.14 -9.03 49.30
C VAL D 270 -5.62 -8.72 49.22
N ASN D 271 -6.34 -9.07 50.29
CA ASN D 271 -7.75 -8.74 50.41
C ASN D 271 -7.88 -7.49 51.27
N PRO D 272 -8.24 -6.34 50.70
CA PRO D 272 -8.28 -5.11 51.50
C PRO D 272 -9.41 -5.10 52.52
N ASP D 273 -10.44 -5.92 52.34
CA ASP D 273 -11.51 -6.01 53.33
C ASP D 273 -10.99 -6.64 54.62
N THR D 274 -10.42 -7.84 54.53
CA THR D 274 -9.91 -8.56 55.68
C THR D 274 -8.46 -8.22 56.01
N GLY D 275 -7.74 -7.56 55.11
CA GLY D 275 -6.34 -7.26 55.33
C GLY D 275 -5.40 -8.43 55.19
N ARG D 276 -5.90 -9.61 54.89
CA ARG D 276 -5.10 -10.82 54.86
C ARG D 276 -4.57 -11.10 53.45
N VAL D 277 -3.42 -11.75 53.39
CA VAL D 277 -2.85 -12.19 52.12
C VAL D 277 -3.46 -13.53 51.74
N LEU D 278 -3.85 -13.67 50.47
CA LEU D 278 -4.39 -14.94 50.00
C LEU D 278 -3.31 -15.84 49.42
N PHE D 279 -2.39 -15.29 48.61
CA PHE D 279 -1.25 -16.05 48.13
C PHE D 279 -0.16 -15.07 47.71
N GLU D 280 1.01 -15.62 47.40
CA GLU D 280 2.13 -14.84 46.91
C GLU D 280 2.66 -15.46 45.62
N ALA D 281 3.40 -14.66 44.87
CA ALA D 281 3.87 -15.09 43.55
C ALA D 281 5.15 -14.35 43.20
N LYS D 282 5.85 -14.88 42.19
CA LYS D 282 7.07 -14.28 41.69
C LYS D 282 6.77 -13.54 40.40
N LEU D 283 7.03 -12.23 40.38
CA LEU D 283 6.94 -11.43 39.17
C LEU D 283 8.36 -11.28 38.61
N HIS D 284 8.62 -11.97 37.50
CA HIS D 284 9.96 -12.02 36.95
C HIS D 284 10.25 -10.77 36.13
N LYS D 285 11.55 -10.45 36.01
CA LYS D 285 11.95 -9.23 35.31
C LYS D 285 11.53 -9.27 33.85
N LEU D 286 11.57 -10.44 33.23
CA LEU D 286 11.16 -10.58 31.84
C LEU D 286 9.66 -10.38 31.64
N GLY D 287 8.87 -10.34 32.71
CA GLY D 287 7.47 -10.00 32.60
C GLY D 287 6.51 -11.18 32.59
N PHE D 288 6.62 -12.04 33.60
CA PHE D 288 5.71 -13.16 33.75
C PHE D 288 5.73 -13.59 35.20
N MET D 289 4.66 -14.29 35.60
CA MET D 289 4.47 -14.68 36.99
C MET D 289 4.56 -16.19 37.16
N THR D 290 4.99 -16.61 38.34
CA THR D 290 5.00 -18.01 38.74
C THR D 290 4.45 -18.14 40.15
N ILE D 291 3.79 -19.27 40.41
CA ILE D 291 3.26 -19.59 41.73
C ILE D 291 3.71 -20.99 42.11
N ALA D 292 3.67 -21.27 43.40
CA ALA D 292 3.99 -22.60 43.92
C ALA D 292 2.69 -23.40 43.98
N LYS D 293 2.38 -24.07 42.87
CA LYS D 293 1.14 -24.84 42.75
C LYS D 293 1.35 -25.89 41.67
N ASN D 294 0.69 -27.03 41.86
CA ASN D 294 0.80 -28.16 40.94
C ASN D 294 -0.57 -28.45 40.33
N GLY D 295 -0.59 -28.62 39.01
CA GLY D 295 -1.80 -28.99 38.29
C GLY D 295 -2.45 -27.81 37.59
N ASP D 296 -3.41 -28.14 36.74
CA ASP D 296 -4.18 -27.16 35.99
C ASP D 296 -5.38 -26.73 36.81
N SER D 297 -5.43 -25.46 37.20
CA SER D 297 -6.47 -25.02 38.11
C SER D 297 -6.69 -23.53 38.00
N PRO D 298 -7.94 -23.06 38.09
CA PRO D 298 -8.17 -21.63 38.29
C PRO D 298 -7.75 -21.22 39.70
N ILE D 299 -7.44 -19.94 39.85
CA ILE D 299 -7.10 -19.37 41.15
C ILE D 299 -8.22 -18.42 41.52
N THR D 300 -9.03 -18.82 42.50
CA THR D 300 -10.16 -18.00 42.94
C THR D 300 -9.66 -16.84 43.78
N VAL D 301 -10.16 -15.64 43.49
CA VAL D 301 -9.74 -14.44 44.21
C VAL D 301 -10.97 -13.67 44.66
N PRO D 302 -10.91 -12.96 45.79
CA PRO D 302 -12.04 -12.13 46.19
C PRO D 302 -12.26 -11.00 45.19
N PRO D 303 -13.50 -10.55 45.03
CA PRO D 303 -13.77 -9.53 44.01
C PRO D 303 -13.10 -8.19 44.25
N ASN D 304 -12.58 -7.96 45.46
CA ASN D 304 -11.93 -6.71 45.79
C ASN D 304 -10.43 -6.85 46.01
N GLY D 305 -9.89 -8.05 45.90
CA GLY D 305 -8.46 -8.25 46.09
C GLY D 305 -7.65 -7.75 44.90
N TYR D 306 -6.35 -7.61 45.13
CA TYR D 306 -5.46 -7.11 44.09
C TYR D 306 -4.02 -7.50 44.41
N PHE D 307 -3.20 -7.52 43.35
CA PHE D 307 -1.77 -7.77 43.51
C PHE D 307 -1.08 -6.53 44.08
N ARG D 308 -0.08 -6.76 44.92
CA ARG D 308 0.69 -5.66 45.50
C ARG D 308 2.15 -6.09 45.65
N PHE D 309 3.06 -5.26 45.18
CA PHE D 309 4.48 -5.52 45.28
C PHE D 309 4.94 -5.53 46.70
N GLU D 310 5.72 -6.56 47.04
CA GLU D 310 6.20 -6.75 48.42
C GLU D 310 7.69 -6.44 48.62
N SER D 311 8.54 -6.96 47.74
CA SER D 311 9.94 -6.74 47.86
C SER D 311 10.62 -7.36 46.68
N TRP D 312 11.82 -6.94 46.35
CA TRP D 312 12.65 -7.66 45.44
C TRP D 312 13.24 -8.82 46.20
N VAL D 313 13.38 -9.96 45.57
CA VAL D 313 13.92 -11.15 46.22
C VAL D 313 14.95 -11.78 45.30
N ASN D 314 15.68 -12.74 45.85
CA ASN D 314 16.58 -13.54 45.05
C ASN D 314 15.78 -14.59 44.28
N PRO D 315 16.32 -15.10 43.17
CA PRO D 315 15.57 -16.12 42.41
C PRO D 315 15.27 -17.36 43.21
N PHE D 316 16.10 -17.73 44.18
CA PHE D 316 15.89 -18.94 44.97
C PHE D 316 14.92 -18.76 46.12
N TYR D 317 14.11 -17.70 46.11
CA TYR D 317 13.06 -17.54 47.11
C TYR D 317 12.03 -18.65 46.97
N THR D 318 11.51 -19.13 48.09
CA THR D 318 10.55 -20.23 48.11
C THR D 318 9.18 -19.66 48.45
N LEU D 319 8.26 -19.72 47.48
CA LEU D 319 6.91 -19.21 47.68
C LEU D 319 6.09 -20.18 48.53
N ALA D 320 5.19 -19.62 49.32
CA ALA D 320 4.24 -20.44 50.05
C ALA D 320 3.32 -21.17 49.05
N PRO D 321 3.07 -22.46 49.24
CA PRO D 321 2.25 -23.20 48.28
C PRO D 321 0.86 -22.58 48.12
N MET D 322 0.29 -22.79 46.93
CA MET D 322 -0.99 -22.22 46.48
C MET D 322 -0.85 -20.73 46.21
#